data_1BGU
# 
_entry.id   1BGU 
# 
_audit_conform.dict_name       mmcif_pdbx.dic 
_audit_conform.dict_version    5.385 
_audit_conform.dict_location   http://mmcif.pdb.org/dictionaries/ascii/mmcif_pdbx.dic 
# 
loop_
_database_2.database_id 
_database_2.database_code 
_database_2.pdbx_database_accession 
_database_2.pdbx_DOI 
PDB   1BGU         pdb_00001bgu 10.2210/pdb1bgu/pdb 
WWPDB D_1000171740 ?            ?                   
# 
loop_
_pdbx_audit_revision_history.ordinal 
_pdbx_audit_revision_history.data_content_type 
_pdbx_audit_revision_history.major_revision 
_pdbx_audit_revision_history.minor_revision 
_pdbx_audit_revision_history.revision_date 
1 'Structure model' 1 0 1994-10-15 
2 'Structure model' 1 1 2008-03-24 
3 'Structure model' 1 2 2011-07-13 
4 'Structure model' 1 3 2017-11-29 
5 'Structure model' 1 4 2024-02-07 
# 
_pdbx_audit_revision_details.ordinal             1 
_pdbx_audit_revision_details.revision_ordinal    1 
_pdbx_audit_revision_details.data_content_type   'Structure model' 
_pdbx_audit_revision_details.provider            repository 
_pdbx_audit_revision_details.type                'Initial release' 
_pdbx_audit_revision_details.description         ? 
_pdbx_audit_revision_details.details             ? 
# 
loop_
_pdbx_audit_revision_group.ordinal 
_pdbx_audit_revision_group.revision_ordinal 
_pdbx_audit_revision_group.data_content_type 
_pdbx_audit_revision_group.group 
1 2 'Structure model' 'Version format compliance' 
2 3 'Structure model' 'Version format compliance' 
3 4 'Structure model' 'Derived calculations'      
4 4 'Structure model' Other                       
5 5 'Structure model' 'Data collection'           
6 5 'Structure model' 'Database references'       
7 5 'Structure model' 'Derived calculations'      
# 
loop_
_pdbx_audit_revision_category.ordinal 
_pdbx_audit_revision_category.revision_ordinal 
_pdbx_audit_revision_category.data_content_type 
_pdbx_audit_revision_category.category 
1 4 'Structure model' pdbx_database_status 
2 4 'Structure model' struct_conf          
3 4 'Structure model' struct_conf_type     
4 5 'Structure model' chem_comp_atom       
5 5 'Structure model' chem_comp_bond       
6 5 'Structure model' database_2           
7 5 'Structure model' struct_site          
# 
loop_
_pdbx_audit_revision_item.ordinal 
_pdbx_audit_revision_item.revision_ordinal 
_pdbx_audit_revision_item.data_content_type 
_pdbx_audit_revision_item.item 
1 4 'Structure model' '_pdbx_database_status.process_site'  
2 5 'Structure model' '_database_2.pdbx_DOI'                
3 5 'Structure model' '_database_2.pdbx_database_accession' 
4 5 'Structure model' '_struct_site.pdbx_auth_asym_id'      
5 5 'Structure model' '_struct_site.pdbx_auth_comp_id'      
6 5 'Structure model' '_struct_site.pdbx_auth_seq_id'       
# 
_pdbx_database_status.status_code                     REL 
_pdbx_database_status.entry_id                        1BGU 
_pdbx_database_status.recvd_initial_deposition_date   1994-06-09 
_pdbx_database_status.deposit_site                    ? 
_pdbx_database_status.process_site                    BNL 
_pdbx_database_status.SG_entry                        . 
_pdbx_database_status.pdb_format_compatible           Y 
_pdbx_database_status.status_code_mr                  ? 
_pdbx_database_status.status_code_sf                  ? 
_pdbx_database_status.status_code_cs                  ? 
_pdbx_database_status.methods_development_category    ? 
_pdbx_database_status.status_code_nmr_data            ? 
# 
loop_
_audit_author.name 
_audit_author.pdbx_ordinal 
'Vrielink, A.'     1 
'Rueger, W.'       2 
'Driessen, H.P.C.' 3 
'Freemont, P.S.'   4 
# 
loop_
_citation.id 
_citation.title 
_citation.journal_abbrev 
_citation.journal_volume 
_citation.page_first 
_citation.page_last 
_citation.year 
_citation.journal_id_ASTM 
_citation.country 
_citation.journal_id_ISSN 
_citation.journal_id_CSD 
_citation.book_publisher 
_citation.pdbx_database_id_PubMed 
_citation.pdbx_database_id_DOI 
primary 
;Crystal structure of the DNA modifying enzyme beta-glucosyltransferase in the presence and absence of the substrate uridine diphosphoglucose.
;
'EMBO J.'            13  3413 3422 1994 EMJODG UK 0261-4189 0897 ? 8062817 ? 
1       'Crystallization and Preliminary X-Ray Studies of T4 Phage Beta-Glucosyltransferase' J.Mol.Biol.          203 525  ?    
1988 JMOBAK UK 0022-2836 0070 ? ?       ? 
2       
'T4-Induced Alpha-and Beta-Glucosyltransferase: Cloning of the Genes and a Comparison of Their Products Based on Sequencing Data' 
'Nucleic Acids Res.' 13  7551 ?    1985 NARHAD UK 0305-1048 0389 ? ?       ? 
# 
loop_
_citation_author.citation_id 
_citation_author.name 
_citation_author.ordinal 
_citation_author.identifier_ORCID 
primary 'Vrielink, A.'     1  ? 
primary 'Ruger, W.'        2  ? 
primary 'Driessen, H.P.'   3  ? 
primary 'Freemont, P.S.'   4  ? 
1       'Freemont, P.S.'   5  ? 
1       'Rueger, W.'       6  ? 
2       'Tomaschewski, J.' 7  ? 
2       'Gram, H.'         8  ? 
2       'Crabb, J.W.'      9  ? 
2       'Ruger, W.'        10 ? 
# 
loop_
_entity.id 
_entity.type 
_entity.src_method 
_entity.pdbx_description 
_entity.formula_weight 
_entity.pdbx_number_of_molecules 
_entity.pdbx_ec 
_entity.pdbx_mutation 
_entity.pdbx_fragment 
_entity.details 
1 polymer     man BETA-GLUCOSYLTRANSFERASE 40719.879 1 2.4.1.27 ? ? ? 
2 non-polymer syn "URIDINE-5'-DIPHOSPHATE" 404.161   1 ?        ? ? ? 
# 
_entity_poly.entity_id                      1 
_entity_poly.type                           'polypeptide(L)' 
_entity_poly.nstd_linkage                   no 
_entity_poly.nstd_monomer                   no 
_entity_poly.pdbx_seq_one_letter_code       
;MKIAIINMGNNVINFKTVPSSETIYLFKVISEMGLNVDIISLKNGVYTKSFDEVDVNDYDRLIVVNSSINFFGGKPNLAI
LSAQKFMAKYKSKIYYLFTDIRLPFSQSWPNVKNRPWAYLYTEEELLIKSPIKVISQGINLDIAKAAHKKVDNVIEFEYF
PIEQYKIHMNDFQLSKPTKKTLDVIYGGSFRSGQRESKMVEFLFDTGLNIEFFGNAREKQFKNPKYPWTKAPVFTGKIPM
NMVSEKNSQAIAALIIGDKNYNDNFITLRVWETMASDAVMLIDEEFDTKHRIINDARFYVNNRAELIDRVNELKHSDVLR
KEMLSIQHDILNKTRAKKAEWQDAFKKAIDL
;
_entity_poly.pdbx_seq_one_letter_code_can   
;MKIAIINMGNNVINFKTVPSSETIYLFKVISEMGLNVDIISLKNGVYTKSFDEVDVNDYDRLIVVNSSINFFGGKPNLAI
LSAQKFMAKYKSKIYYLFTDIRLPFSQSWPNVKNRPWAYLYTEEELLIKSPIKVISQGINLDIAKAAHKKVDNVIEFEYF
PIEQYKIHMNDFQLSKPTKKTLDVIYGGSFRSGQRESKMVEFLFDTGLNIEFFGNAREKQFKNPKYPWTKAPVFTGKIPM
NMVSEKNSQAIAALIIGDKNYNDNFITLRVWETMASDAVMLIDEEFDTKHRIINDARFYVNNRAELIDRVNELKHSDVLR
KEMLSIQHDILNKTRAKKAEWQDAFKKAIDL
;
_entity_poly.pdbx_strand_id                 A 
_entity_poly.pdbx_target_identifier         ? 
# 
_pdbx_entity_nonpoly.entity_id   2 
_pdbx_entity_nonpoly.name        "URIDINE-5'-DIPHOSPHATE" 
_pdbx_entity_nonpoly.comp_id     UDP 
# 
loop_
_entity_poly_seq.entity_id 
_entity_poly_seq.num 
_entity_poly_seq.mon_id 
_entity_poly_seq.hetero 
1 1   MET n 
1 2   LYS n 
1 3   ILE n 
1 4   ALA n 
1 5   ILE n 
1 6   ILE n 
1 7   ASN n 
1 8   MET n 
1 9   GLY n 
1 10  ASN n 
1 11  ASN n 
1 12  VAL n 
1 13  ILE n 
1 14  ASN n 
1 15  PHE n 
1 16  LYS n 
1 17  THR n 
1 18  VAL n 
1 19  PRO n 
1 20  SER n 
1 21  SER n 
1 22  GLU n 
1 23  THR n 
1 24  ILE n 
1 25  TYR n 
1 26  LEU n 
1 27  PHE n 
1 28  LYS n 
1 29  VAL n 
1 30  ILE n 
1 31  SER n 
1 32  GLU n 
1 33  MET n 
1 34  GLY n 
1 35  LEU n 
1 36  ASN n 
1 37  VAL n 
1 38  ASP n 
1 39  ILE n 
1 40  ILE n 
1 41  SER n 
1 42  LEU n 
1 43  LYS n 
1 44  ASN n 
1 45  GLY n 
1 46  VAL n 
1 47  TYR n 
1 48  THR n 
1 49  LYS n 
1 50  SER n 
1 51  PHE n 
1 52  ASP n 
1 53  GLU n 
1 54  VAL n 
1 55  ASP n 
1 56  VAL n 
1 57  ASN n 
1 58  ASP n 
1 59  TYR n 
1 60  ASP n 
1 61  ARG n 
1 62  LEU n 
1 63  ILE n 
1 64  VAL n 
1 65  VAL n 
1 66  ASN n 
1 67  SER n 
1 68  SER n 
1 69  ILE n 
1 70  ASN n 
1 71  PHE n 
1 72  PHE n 
1 73  GLY n 
1 74  GLY n 
1 75  LYS n 
1 76  PRO n 
1 77  ASN n 
1 78  LEU n 
1 79  ALA n 
1 80  ILE n 
1 81  LEU n 
1 82  SER n 
1 83  ALA n 
1 84  GLN n 
1 85  LYS n 
1 86  PHE n 
1 87  MET n 
1 88  ALA n 
1 89  LYS n 
1 90  TYR n 
1 91  LYS n 
1 92  SER n 
1 93  LYS n 
1 94  ILE n 
1 95  TYR n 
1 96  TYR n 
1 97  LEU n 
1 98  PHE n 
1 99  THR n 
1 100 ASP n 
1 101 ILE n 
1 102 ARG n 
1 103 LEU n 
1 104 PRO n 
1 105 PHE n 
1 106 SER n 
1 107 GLN n 
1 108 SER n 
1 109 TRP n 
1 110 PRO n 
1 111 ASN n 
1 112 VAL n 
1 113 LYS n 
1 114 ASN n 
1 115 ARG n 
1 116 PRO n 
1 117 TRP n 
1 118 ALA n 
1 119 TYR n 
1 120 LEU n 
1 121 TYR n 
1 122 THR n 
1 123 GLU n 
1 124 GLU n 
1 125 GLU n 
1 126 LEU n 
1 127 LEU n 
1 128 ILE n 
1 129 LYS n 
1 130 SER n 
1 131 PRO n 
1 132 ILE n 
1 133 LYS n 
1 134 VAL n 
1 135 ILE n 
1 136 SER n 
1 137 GLN n 
1 138 GLY n 
1 139 ILE n 
1 140 ASN n 
1 141 LEU n 
1 142 ASP n 
1 143 ILE n 
1 144 ALA n 
1 145 LYS n 
1 146 ALA n 
1 147 ALA n 
1 148 HIS n 
1 149 LYS n 
1 150 LYS n 
1 151 VAL n 
1 152 ASP n 
1 153 ASN n 
1 154 VAL n 
1 155 ILE n 
1 156 GLU n 
1 157 PHE n 
1 158 GLU n 
1 159 TYR n 
1 160 PHE n 
1 161 PRO n 
1 162 ILE n 
1 163 GLU n 
1 164 GLN n 
1 165 TYR n 
1 166 LYS n 
1 167 ILE n 
1 168 HIS n 
1 169 MET n 
1 170 ASN n 
1 171 ASP n 
1 172 PHE n 
1 173 GLN n 
1 174 LEU n 
1 175 SER n 
1 176 LYS n 
1 177 PRO n 
1 178 THR n 
1 179 LYS n 
1 180 LYS n 
1 181 THR n 
1 182 LEU n 
1 183 ASP n 
1 184 VAL n 
1 185 ILE n 
1 186 TYR n 
1 187 GLY n 
1 188 GLY n 
1 189 SER n 
1 190 PHE n 
1 191 ARG n 
1 192 SER n 
1 193 GLY n 
1 194 GLN n 
1 195 ARG n 
1 196 GLU n 
1 197 SER n 
1 198 LYS n 
1 199 MET n 
1 200 VAL n 
1 201 GLU n 
1 202 PHE n 
1 203 LEU n 
1 204 PHE n 
1 205 ASP n 
1 206 THR n 
1 207 GLY n 
1 208 LEU n 
1 209 ASN n 
1 210 ILE n 
1 211 GLU n 
1 212 PHE n 
1 213 PHE n 
1 214 GLY n 
1 215 ASN n 
1 216 ALA n 
1 217 ARG n 
1 218 GLU n 
1 219 LYS n 
1 220 GLN n 
1 221 PHE n 
1 222 LYS n 
1 223 ASN n 
1 224 PRO n 
1 225 LYS n 
1 226 TYR n 
1 227 PRO n 
1 228 TRP n 
1 229 THR n 
1 230 LYS n 
1 231 ALA n 
1 232 PRO n 
1 233 VAL n 
1 234 PHE n 
1 235 THR n 
1 236 GLY n 
1 237 LYS n 
1 238 ILE n 
1 239 PRO n 
1 240 MET n 
1 241 ASN n 
1 242 MET n 
1 243 VAL n 
1 244 SER n 
1 245 GLU n 
1 246 LYS n 
1 247 ASN n 
1 248 SER n 
1 249 GLN n 
1 250 ALA n 
1 251 ILE n 
1 252 ALA n 
1 253 ALA n 
1 254 LEU n 
1 255 ILE n 
1 256 ILE n 
1 257 GLY n 
1 258 ASP n 
1 259 LYS n 
1 260 ASN n 
1 261 TYR n 
1 262 ASN n 
1 263 ASP n 
1 264 ASN n 
1 265 PHE n 
1 266 ILE n 
1 267 THR n 
1 268 LEU n 
1 269 ARG n 
1 270 VAL n 
1 271 TRP n 
1 272 GLU n 
1 273 THR n 
1 274 MET n 
1 275 ALA n 
1 276 SER n 
1 277 ASP n 
1 278 ALA n 
1 279 VAL n 
1 280 MET n 
1 281 LEU n 
1 282 ILE n 
1 283 ASP n 
1 284 GLU n 
1 285 GLU n 
1 286 PHE n 
1 287 ASP n 
1 288 THR n 
1 289 LYS n 
1 290 HIS n 
1 291 ARG n 
1 292 ILE n 
1 293 ILE n 
1 294 ASN n 
1 295 ASP n 
1 296 ALA n 
1 297 ARG n 
1 298 PHE n 
1 299 TYR n 
1 300 VAL n 
1 301 ASN n 
1 302 ASN n 
1 303 ARG n 
1 304 ALA n 
1 305 GLU n 
1 306 LEU n 
1 307 ILE n 
1 308 ASP n 
1 309 ARG n 
1 310 VAL n 
1 311 ASN n 
1 312 GLU n 
1 313 LEU n 
1 314 LYS n 
1 315 HIS n 
1 316 SER n 
1 317 ASP n 
1 318 VAL n 
1 319 LEU n 
1 320 ARG n 
1 321 LYS n 
1 322 GLU n 
1 323 MET n 
1 324 LEU n 
1 325 SER n 
1 326 ILE n 
1 327 GLN n 
1 328 HIS n 
1 329 ASP n 
1 330 ILE n 
1 331 LEU n 
1 332 ASN n 
1 333 LYS n 
1 334 THR n 
1 335 ARG n 
1 336 ALA n 
1 337 LYS n 
1 338 LYS n 
1 339 ALA n 
1 340 GLU n 
1 341 TRP n 
1 342 GLN n 
1 343 ASP n 
1 344 ALA n 
1 345 PHE n 
1 346 LYS n 
1 347 LYS n 
1 348 ALA n 
1 349 ILE n 
1 350 ASP n 
1 351 LEU n 
# 
_entity_src_gen.entity_id                          1 
_entity_src_gen.pdbx_src_id                        1 
_entity_src_gen.pdbx_alt_source_flag               sample 
_entity_src_gen.pdbx_seq_type                      ? 
_entity_src_gen.pdbx_beg_seq_num                   ? 
_entity_src_gen.pdbx_end_seq_num                   ? 
_entity_src_gen.gene_src_common_name               ? 
_entity_src_gen.gene_src_genus                     'T4-like viruses' 
_entity_src_gen.pdbx_gene_src_gene                 ? 
_entity_src_gen.gene_src_species                   'Enterobacteria phage T4 sensu lato' 
_entity_src_gen.gene_src_strain                    ? 
_entity_src_gen.gene_src_tissue                    ? 
_entity_src_gen.gene_src_tissue_fraction           ? 
_entity_src_gen.gene_src_details                   ? 
_entity_src_gen.pdbx_gene_src_fragment             ? 
_entity_src_gen.pdbx_gene_src_scientific_name      'Enterobacteria phage T4' 
_entity_src_gen.pdbx_gene_src_ncbi_taxonomy_id     10665 
_entity_src_gen.pdbx_gene_src_variant              ? 
_entity_src_gen.pdbx_gene_src_cell_line            ? 
_entity_src_gen.pdbx_gene_src_atcc                 ? 
_entity_src_gen.pdbx_gene_src_organ                ? 
_entity_src_gen.pdbx_gene_src_organelle            ? 
_entity_src_gen.pdbx_gene_src_cell                 ? 
_entity_src_gen.pdbx_gene_src_cellular_location    ? 
_entity_src_gen.host_org_common_name               ? 
_entity_src_gen.pdbx_host_org_scientific_name      ? 
_entity_src_gen.pdbx_host_org_ncbi_taxonomy_id     ? 
_entity_src_gen.host_org_genus                     ? 
_entity_src_gen.pdbx_host_org_gene                 ? 
_entity_src_gen.pdbx_host_org_organ                ? 
_entity_src_gen.host_org_species                   ? 
_entity_src_gen.pdbx_host_org_tissue               ? 
_entity_src_gen.pdbx_host_org_tissue_fraction      ? 
_entity_src_gen.pdbx_host_org_strain               ? 
_entity_src_gen.pdbx_host_org_variant              ? 
_entity_src_gen.pdbx_host_org_cell_line            ? 
_entity_src_gen.pdbx_host_org_atcc                 ? 
_entity_src_gen.pdbx_host_org_culture_collection   ? 
_entity_src_gen.pdbx_host_org_cell                 ? 
_entity_src_gen.pdbx_host_org_organelle            ? 
_entity_src_gen.pdbx_host_org_cellular_location    ? 
_entity_src_gen.pdbx_host_org_vector_type          ? 
_entity_src_gen.pdbx_host_org_vector               ? 
_entity_src_gen.host_org_details                   ? 
_entity_src_gen.expression_system_id               ? 
_entity_src_gen.plasmid_name                       ? 
_entity_src_gen.plasmid_details                    ? 
_entity_src_gen.pdbx_description                   ? 
# 
loop_
_chem_comp.id 
_chem_comp.type 
_chem_comp.mon_nstd_flag 
_chem_comp.name 
_chem_comp.pdbx_synonyms 
_chem_comp.formula 
_chem_comp.formula_weight 
ALA 'L-peptide linking' y ALANINE                  ? 'C3 H7 N O2'       89.093  
ARG 'L-peptide linking' y ARGININE                 ? 'C6 H15 N4 O2 1'   175.209 
ASN 'L-peptide linking' y ASPARAGINE               ? 'C4 H8 N2 O3'      132.118 
ASP 'L-peptide linking' y 'ASPARTIC ACID'          ? 'C4 H7 N O4'       133.103 
GLN 'L-peptide linking' y GLUTAMINE                ? 'C5 H10 N2 O3'     146.144 
GLU 'L-peptide linking' y 'GLUTAMIC ACID'          ? 'C5 H9 N O4'       147.129 
GLY 'peptide linking'   y GLYCINE                  ? 'C2 H5 N O2'       75.067  
HIS 'L-peptide linking' y HISTIDINE                ? 'C6 H10 N3 O2 1'   156.162 
ILE 'L-peptide linking' y ISOLEUCINE               ? 'C6 H13 N O2'      131.173 
LEU 'L-peptide linking' y LEUCINE                  ? 'C6 H13 N O2'      131.173 
LYS 'L-peptide linking' y LYSINE                   ? 'C6 H15 N2 O2 1'   147.195 
MET 'L-peptide linking' y METHIONINE               ? 'C5 H11 N O2 S'    149.211 
PHE 'L-peptide linking' y PHENYLALANINE            ? 'C9 H11 N O2'      165.189 
PRO 'L-peptide linking' y PROLINE                  ? 'C5 H9 N O2'       115.130 
SER 'L-peptide linking' y SERINE                   ? 'C3 H7 N O3'       105.093 
THR 'L-peptide linking' y THREONINE                ? 'C4 H9 N O3'       119.119 
TRP 'L-peptide linking' y TRYPTOPHAN               ? 'C11 H12 N2 O2'    204.225 
TYR 'L-peptide linking' y TYROSINE                 ? 'C9 H11 N O3'      181.189 
UDP 'RNA linking'       . "URIDINE-5'-DIPHOSPHATE" ? 'C9 H14 N2 O12 P2' 404.161 
VAL 'L-peptide linking' y VALINE                   ? 'C5 H11 N O2'      117.146 
# 
loop_
_pdbx_poly_seq_scheme.asym_id 
_pdbx_poly_seq_scheme.entity_id 
_pdbx_poly_seq_scheme.seq_id 
_pdbx_poly_seq_scheme.mon_id 
_pdbx_poly_seq_scheme.ndb_seq_num 
_pdbx_poly_seq_scheme.pdb_seq_num 
_pdbx_poly_seq_scheme.auth_seq_num 
_pdbx_poly_seq_scheme.pdb_mon_id 
_pdbx_poly_seq_scheme.auth_mon_id 
_pdbx_poly_seq_scheme.pdb_strand_id 
_pdbx_poly_seq_scheme.pdb_ins_code 
_pdbx_poly_seq_scheme.hetero 
A 1 1   MET 1   1   1   MET MET A . n 
A 1 2   LYS 2   2   2   LYS LYS A . n 
A 1 3   ILE 3   3   3   ILE ILE A . n 
A 1 4   ALA 4   4   4   ALA ALA A . n 
A 1 5   ILE 5   5   5   ILE ILE A . n 
A 1 6   ILE 6   6   6   ILE ILE A . n 
A 1 7   ASN 7   7   7   ASN ASN A . n 
A 1 8   MET 8   8   8   MET MET A . n 
A 1 9   GLY 9   9   9   GLY GLY A . n 
A 1 10  ASN 10  10  10  ASN ASN A . n 
A 1 11  ASN 11  11  11  ASN ASN A . n 
A 1 12  VAL 12  12  12  VAL VAL A . n 
A 1 13  ILE 13  13  13  ILE ILE A . n 
A 1 14  ASN 14  14  14  ASN ASN A . n 
A 1 15  PHE 15  15  15  PHE PHE A . n 
A 1 16  LYS 16  16  16  LYS LYS A . n 
A 1 17  THR 17  17  17  THR THR A . n 
A 1 18  VAL 18  18  18  VAL VAL A . n 
A 1 19  PRO 19  19  19  PRO PRO A . n 
A 1 20  SER 20  20  20  SER SER A . n 
A 1 21  SER 21  21  21  SER SER A . n 
A 1 22  GLU 22  22  22  GLU GLU A . n 
A 1 23  THR 23  23  23  THR THR A . n 
A 1 24  ILE 24  24  24  ILE ILE A . n 
A 1 25  TYR 25  25  25  TYR TYR A . n 
A 1 26  LEU 26  26  26  LEU LEU A . n 
A 1 27  PHE 27  27  27  PHE PHE A . n 
A 1 28  LYS 28  28  28  LYS LYS A . n 
A 1 29  VAL 29  29  29  VAL VAL A . n 
A 1 30  ILE 30  30  30  ILE ILE A . n 
A 1 31  SER 31  31  31  SER SER A . n 
A 1 32  GLU 32  32  32  GLU GLU A . n 
A 1 33  MET 33  33  33  MET MET A . n 
A 1 34  GLY 34  34  34  GLY GLY A . n 
A 1 35  LEU 35  35  35  LEU LEU A . n 
A 1 36  ASN 36  36  36  ASN ASN A . n 
A 1 37  VAL 37  37  37  VAL VAL A . n 
A 1 38  ASP 38  38  38  ASP ASP A . n 
A 1 39  ILE 39  39  39  ILE ILE A . n 
A 1 40  ILE 40  40  40  ILE ILE A . n 
A 1 41  SER 41  41  41  SER SER A . n 
A 1 42  LEU 42  42  42  LEU LEU A . n 
A 1 43  LYS 43  43  43  LYS LYS A . n 
A 1 44  ASN 44  44  44  ASN ASN A . n 
A 1 45  GLY 45  45  45  GLY GLY A . n 
A 1 46  VAL 46  46  46  VAL VAL A . n 
A 1 47  TYR 47  47  47  TYR TYR A . n 
A 1 48  THR 48  48  48  THR THR A . n 
A 1 49  LYS 49  49  49  LYS LYS A . n 
A 1 50  SER 50  50  50  SER SER A . n 
A 1 51  PHE 51  51  51  PHE PHE A . n 
A 1 52  ASP 52  52  52  ASP ASP A . n 
A 1 53  GLU 53  53  53  GLU GLU A . n 
A 1 54  VAL 54  54  54  VAL VAL A . n 
A 1 55  ASP 55  55  55  ASP ASP A . n 
A 1 56  VAL 56  56  56  VAL VAL A . n 
A 1 57  ASN 57  57  57  ASN ASN A . n 
A 1 58  ASP 58  58  58  ASP ASP A . n 
A 1 59  TYR 59  59  59  TYR TYR A . n 
A 1 60  ASP 60  60  60  ASP ASP A . n 
A 1 61  ARG 61  61  61  ARG ARG A . n 
A 1 62  LEU 62  62  62  LEU LEU A . n 
A 1 63  ILE 63  63  63  ILE ILE A . n 
A 1 64  VAL 64  64  64  VAL VAL A . n 
A 1 65  VAL 65  65  65  VAL VAL A . n 
A 1 66  ASN 66  66  66  ASN ASN A . n 
A 1 67  SER 67  67  67  SER SER A . n 
A 1 68  SER 68  68  ?   ?   ?   A . n 
A 1 69  ILE 69  69  ?   ?   ?   A . n 
A 1 70  ASN 70  70  ?   ?   ?   A . n 
A 1 71  PHE 71  71  ?   ?   ?   A . n 
A 1 72  PHE 72  72  ?   ?   ?   A . n 
A 1 73  GLY 73  73  ?   ?   ?   A . n 
A 1 74  GLY 74  74  ?   ?   ?   A . n 
A 1 75  LYS 75  75  ?   ?   ?   A . n 
A 1 76  PRO 76  76  ?   ?   ?   A . n 
A 1 77  ASN 77  77  77  ASN ASN A . n 
A 1 78  LEU 78  78  78  LEU LEU A . n 
A 1 79  ALA 79  79  79  ALA ALA A . n 
A 1 80  ILE 80  80  80  ILE ILE A . n 
A 1 81  LEU 81  81  81  LEU LEU A . n 
A 1 82  SER 82  82  82  SER SER A . n 
A 1 83  ALA 83  83  83  ALA ALA A . n 
A 1 84  GLN 84  84  84  GLN GLN A . n 
A 1 85  LYS 85  85  85  LYS LYS A . n 
A 1 86  PHE 86  86  86  PHE PHE A . n 
A 1 87  MET 87  87  87  MET MET A . n 
A 1 88  ALA 88  88  88  ALA ALA A . n 
A 1 89  LYS 89  89  89  LYS LYS A . n 
A 1 90  TYR 90  90  90  TYR TYR A . n 
A 1 91  LYS 91  91  91  LYS LYS A . n 
A 1 92  SER 92  92  92  SER SER A . n 
A 1 93  LYS 93  93  93  LYS LYS A . n 
A 1 94  ILE 94  94  94  ILE ILE A . n 
A 1 95  TYR 95  95  95  TYR TYR A . n 
A 1 96  TYR 96  96  96  TYR TYR A . n 
A 1 97  LEU 97  97  97  LEU LEU A . n 
A 1 98  PHE 98  98  98  PHE PHE A . n 
A 1 99  THR 99  99  99  THR THR A . n 
A 1 100 ASP 100 100 100 ASP ASP A . n 
A 1 101 ILE 101 101 101 ILE ILE A . n 
A 1 102 ARG 102 102 102 ARG ARG A . n 
A 1 103 LEU 103 103 103 LEU LEU A . n 
A 1 104 PRO 104 104 104 PRO PRO A . n 
A 1 105 PHE 105 105 105 PHE PHE A . n 
A 1 106 SER 106 106 106 SER SER A . n 
A 1 107 GLN 107 107 107 GLN GLN A . n 
A 1 108 SER 108 108 108 SER SER A . n 
A 1 109 TRP 109 109 ?   ?   ?   A . n 
A 1 110 PRO 110 110 ?   ?   ?   A . n 
A 1 111 ASN 111 111 ?   ?   ?   A . n 
A 1 112 VAL 112 112 ?   ?   ?   A . n 
A 1 113 LYS 113 113 ?   ?   ?   A . n 
A 1 114 ASN 114 114 ?   ?   ?   A . n 
A 1 115 ARG 115 115 ?   ?   ?   A . n 
A 1 116 PRO 116 116 ?   ?   ?   A . n 
A 1 117 TRP 117 117 ?   ?   ?   A . n 
A 1 118 ALA 118 118 ?   ?   ?   A . n 
A 1 119 TYR 119 119 ?   ?   ?   A . n 
A 1 120 LEU 120 120 ?   ?   ?   A . n 
A 1 121 TYR 121 121 ?   ?   ?   A . n 
A 1 122 THR 122 122 ?   ?   ?   A . n 
A 1 123 GLU 123 123 123 GLU GLU A . n 
A 1 124 GLU 124 124 124 GLU GLU A . n 
A 1 125 GLU 125 125 125 GLU GLU A . n 
A 1 126 LEU 126 126 126 LEU LEU A . n 
A 1 127 LEU 127 127 127 LEU LEU A . n 
A 1 128 ILE 128 128 128 ILE ILE A . n 
A 1 129 LYS 129 129 129 LYS LYS A . n 
A 1 130 SER 130 130 130 SER SER A . n 
A 1 131 PRO 131 131 131 PRO PRO A . n 
A 1 132 ILE 132 132 132 ILE ILE A . n 
A 1 133 LYS 133 133 133 LYS LYS A . n 
A 1 134 VAL 134 134 134 VAL VAL A . n 
A 1 135 ILE 135 135 135 ILE ILE A . n 
A 1 136 SER 136 136 136 SER SER A . n 
A 1 137 GLN 137 137 137 GLN GLN A . n 
A 1 138 GLY 138 138 138 GLY GLY A . n 
A 1 139 ILE 139 139 139 ILE ILE A . n 
A 1 140 ASN 140 140 140 ASN ASN A . n 
A 1 141 LEU 141 141 141 LEU LEU A . n 
A 1 142 ASP 142 142 142 ASP ASP A . n 
A 1 143 ILE 143 143 143 ILE ILE A . n 
A 1 144 ALA 144 144 144 ALA ALA A . n 
A 1 145 LYS 145 145 145 LYS LYS A . n 
A 1 146 ALA 146 146 146 ALA ALA A . n 
A 1 147 ALA 147 147 147 ALA ALA A . n 
A 1 148 HIS 148 148 148 HIS HIS A . n 
A 1 149 LYS 149 149 149 LYS LYS A . n 
A 1 150 LYS 150 150 150 LYS LYS A . n 
A 1 151 VAL 151 151 151 VAL VAL A . n 
A 1 152 ASP 152 152 152 ASP ASP A . n 
A 1 153 ASN 153 153 153 ASN ASN A . n 
A 1 154 VAL 154 154 154 VAL VAL A . n 
A 1 155 ILE 155 155 155 ILE ILE A . n 
A 1 156 GLU 156 156 156 GLU GLU A . n 
A 1 157 PHE 157 157 157 PHE PHE A . n 
A 1 158 GLU 158 158 158 GLU GLU A . n 
A 1 159 TYR 159 159 159 TYR TYR A . n 
A 1 160 PHE 160 160 160 PHE PHE A . n 
A 1 161 PRO 161 161 161 PRO PRO A . n 
A 1 162 ILE 162 162 162 ILE ILE A . n 
A 1 163 GLU 163 163 163 GLU GLU A . n 
A 1 164 GLN 164 164 164 GLN GLN A . n 
A 1 165 TYR 165 165 165 TYR TYR A . n 
A 1 166 LYS 166 166 166 LYS LYS A . n 
A 1 167 ILE 167 167 167 ILE ILE A . n 
A 1 168 HIS 168 168 168 HIS HIS A . n 
A 1 169 MET 169 169 169 MET MET A . n 
A 1 170 ASN 170 170 170 ASN ASN A . n 
A 1 171 ASP 171 171 171 ASP ASP A . n 
A 1 172 PHE 172 172 172 PHE PHE A . n 
A 1 173 GLN 173 173 173 GLN GLN A . n 
A 1 174 LEU 174 174 174 LEU LEU A . n 
A 1 175 SER 175 175 175 SER SER A . n 
A 1 176 LYS 176 176 176 LYS LYS A . n 
A 1 177 PRO 177 177 177 PRO PRO A . n 
A 1 178 THR 178 178 178 THR THR A . n 
A 1 179 LYS 179 179 179 LYS LYS A . n 
A 1 180 LYS 180 180 180 LYS LYS A . n 
A 1 181 THR 181 181 181 THR THR A . n 
A 1 182 LEU 182 182 182 LEU LEU A . n 
A 1 183 ASP 183 183 183 ASP ASP A . n 
A 1 184 VAL 184 184 184 VAL VAL A . n 
A 1 185 ILE 185 185 185 ILE ILE A . n 
A 1 186 TYR 186 186 186 TYR TYR A . n 
A 1 187 GLY 187 187 187 GLY GLY A . n 
A 1 188 GLY 188 188 188 GLY GLY A . n 
A 1 189 SER 189 189 189 SER SER A . n 
A 1 190 PHE 190 190 190 PHE PHE A . n 
A 1 191 ARG 191 191 191 ARG ARG A . n 
A 1 192 SER 192 192 192 SER SER A . n 
A 1 193 GLY 193 193 193 GLY GLY A . n 
A 1 194 GLN 194 194 194 GLN GLN A . n 
A 1 195 ARG 195 195 195 ARG ARG A . n 
A 1 196 GLU 196 196 196 GLU GLU A . n 
A 1 197 SER 197 197 197 SER SER A . n 
A 1 198 LYS 198 198 198 LYS LYS A . n 
A 1 199 MET 199 199 199 MET MET A . n 
A 1 200 VAL 200 200 200 VAL VAL A . n 
A 1 201 GLU 201 201 201 GLU GLU A . n 
A 1 202 PHE 202 202 202 PHE PHE A . n 
A 1 203 LEU 203 203 203 LEU LEU A . n 
A 1 204 PHE 204 204 204 PHE PHE A . n 
A 1 205 ASP 205 205 205 ASP ASP A . n 
A 1 206 THR 206 206 206 THR THR A . n 
A 1 207 GLY 207 207 207 GLY GLY A . n 
A 1 208 LEU 208 208 208 LEU LEU A . n 
A 1 209 ASN 209 209 209 ASN ASN A . n 
A 1 210 ILE 210 210 210 ILE ILE A . n 
A 1 211 GLU 211 211 211 GLU GLU A . n 
A 1 212 PHE 212 212 212 PHE PHE A . n 
A 1 213 PHE 213 213 213 PHE PHE A . n 
A 1 214 GLY 214 214 214 GLY GLY A . n 
A 1 215 ASN 215 215 215 ASN ASN A . n 
A 1 216 ALA 216 216 216 ALA ALA A . n 
A 1 217 ARG 217 217 217 ARG ARG A . n 
A 1 218 GLU 218 218 218 GLU GLU A . n 
A 1 219 LYS 219 219 219 LYS LYS A . n 
A 1 220 GLN 220 220 220 GLN GLN A . n 
A 1 221 PHE 221 221 221 PHE PHE A . n 
A 1 222 LYS 222 222 222 LYS LYS A . n 
A 1 223 ASN 223 223 223 ASN ASN A . n 
A 1 224 PRO 224 224 224 PRO PRO A . n 
A 1 225 LYS 225 225 225 LYS LYS A . n 
A 1 226 TYR 226 226 226 TYR TYR A . n 
A 1 227 PRO 227 227 227 PRO PRO A . n 
A 1 228 TRP 228 228 228 TRP TRP A . n 
A 1 229 THR 229 229 229 THR THR A . n 
A 1 230 LYS 230 230 230 LYS LYS A . n 
A 1 231 ALA 231 231 231 ALA ALA A . n 
A 1 232 PRO 232 232 232 PRO PRO A . n 
A 1 233 VAL 233 233 233 VAL VAL A . n 
A 1 234 PHE 234 234 234 PHE PHE A . n 
A 1 235 THR 235 235 235 THR THR A . n 
A 1 236 GLY 236 236 236 GLY GLY A . n 
A 1 237 LYS 237 237 237 LYS LYS A . n 
A 1 238 ILE 238 238 238 ILE ILE A . n 
A 1 239 PRO 239 239 239 PRO PRO A . n 
A 1 240 MET 240 240 240 MET MET A . n 
A 1 241 ASN 241 241 241 ASN ASN A . n 
A 1 242 MET 242 242 242 MET MET A . n 
A 1 243 VAL 243 243 243 VAL VAL A . n 
A 1 244 SER 244 244 244 SER SER A . n 
A 1 245 GLU 245 245 245 GLU GLU A . n 
A 1 246 LYS 246 246 246 LYS LYS A . n 
A 1 247 ASN 247 247 247 ASN ASN A . n 
A 1 248 SER 248 248 248 SER SER A . n 
A 1 249 GLN 249 249 249 GLN GLN A . n 
A 1 250 ALA 250 250 250 ALA ALA A . n 
A 1 251 ILE 251 251 251 ILE ILE A . n 
A 1 252 ALA 252 252 252 ALA ALA A . n 
A 1 253 ALA 253 253 253 ALA ALA A . n 
A 1 254 LEU 254 254 254 LEU LEU A . n 
A 1 255 ILE 255 255 255 ILE ILE A . n 
A 1 256 ILE 256 256 256 ILE ILE A . n 
A 1 257 GLY 257 257 257 GLY GLY A . n 
A 1 258 ASP 258 258 258 ASP ASP A . n 
A 1 259 LYS 259 259 259 LYS LYS A . n 
A 1 260 ASN 260 260 260 ASN ASN A . n 
A 1 261 TYR 261 261 261 TYR TYR A . n 
A 1 262 ASN 262 262 262 ASN ASN A . n 
A 1 263 ASP 263 263 263 ASP ASP A . n 
A 1 264 ASN 264 264 264 ASN ASN A . n 
A 1 265 PHE 265 265 265 PHE PHE A . n 
A 1 266 ILE 266 266 266 ILE ILE A . n 
A 1 267 THR 267 267 267 THR THR A . n 
A 1 268 LEU 268 268 268 LEU LEU A . n 
A 1 269 ARG 269 269 269 ARG ARG A . n 
A 1 270 VAL 270 270 270 VAL VAL A . n 
A 1 271 TRP 271 271 271 TRP TRP A . n 
A 1 272 GLU 272 272 272 GLU GLU A . n 
A 1 273 THR 273 273 273 THR THR A . n 
A 1 274 MET 274 274 274 MET MET A . n 
A 1 275 ALA 275 275 275 ALA ALA A . n 
A 1 276 SER 276 276 276 SER SER A . n 
A 1 277 ASP 277 277 277 ASP ASP A . n 
A 1 278 ALA 278 278 278 ALA ALA A . n 
A 1 279 VAL 279 279 279 VAL VAL A . n 
A 1 280 MET 280 280 280 MET MET A . n 
A 1 281 LEU 281 281 281 LEU LEU A . n 
A 1 282 ILE 282 282 282 ILE ILE A . n 
A 1 283 ASP 283 283 283 ASP ASP A . n 
A 1 284 GLU 284 284 284 GLU GLU A . n 
A 1 285 GLU 285 285 285 GLU GLU A . n 
A 1 286 PHE 286 286 286 PHE PHE A . n 
A 1 287 ASP 287 287 287 ASP ASP A . n 
A 1 288 THR 288 288 288 THR THR A . n 
A 1 289 LYS 289 289 289 LYS LYS A . n 
A 1 290 HIS 290 290 290 HIS HIS A . n 
A 1 291 ARG 291 291 291 ARG ARG A . n 
A 1 292 ILE 292 292 292 ILE ILE A . n 
A 1 293 ILE 293 293 293 ILE ILE A . n 
A 1 294 ASN 294 294 294 ASN ASN A . n 
A 1 295 ASP 295 295 295 ASP ASP A . n 
A 1 296 ALA 296 296 296 ALA ALA A . n 
A 1 297 ARG 297 297 297 ARG ARG A . n 
A 1 298 PHE 298 298 298 PHE PHE A . n 
A 1 299 TYR 299 299 299 TYR TYR A . n 
A 1 300 VAL 300 300 300 VAL VAL A . n 
A 1 301 ASN 301 301 301 ASN ASN A . n 
A 1 302 ASN 302 302 302 ASN ASN A . n 
A 1 303 ARG 303 303 303 ARG ARG A . n 
A 1 304 ALA 304 304 304 ALA ALA A . n 
A 1 305 GLU 305 305 305 GLU GLU A . n 
A 1 306 LEU 306 306 306 LEU LEU A . n 
A 1 307 ILE 307 307 307 ILE ILE A . n 
A 1 308 ASP 308 308 308 ASP ASP A . n 
A 1 309 ARG 309 309 309 ARG ARG A . n 
A 1 310 VAL 310 310 310 VAL VAL A . n 
A 1 311 ASN 311 311 311 ASN ASN A . n 
A 1 312 GLU 312 312 312 GLU GLU A . n 
A 1 313 LEU 313 313 313 LEU LEU A . n 
A 1 314 LYS 314 314 314 LYS LYS A . n 
A 1 315 HIS 315 315 315 HIS HIS A . n 
A 1 316 SER 316 316 316 SER SER A . n 
A 1 317 ASP 317 317 317 ASP ASP A . n 
A 1 318 VAL 318 318 318 VAL VAL A . n 
A 1 319 LEU 319 319 319 LEU LEU A . n 
A 1 320 ARG 320 320 320 ARG ARG A . n 
A 1 321 LYS 321 321 321 LYS LYS A . n 
A 1 322 GLU 322 322 322 GLU GLU A . n 
A 1 323 MET 323 323 323 MET MET A . n 
A 1 324 LEU 324 324 324 LEU LEU A . n 
A 1 325 SER 325 325 325 SER SER A . n 
A 1 326 ILE 326 326 326 ILE ILE A . n 
A 1 327 GLN 327 327 327 GLN GLN A . n 
A 1 328 HIS 328 328 328 HIS HIS A . n 
A 1 329 ASP 329 329 329 ASP ASP A . n 
A 1 330 ILE 330 330 330 ILE ILE A . n 
A 1 331 LEU 331 331 331 LEU LEU A . n 
A 1 332 ASN 332 332 332 ASN ASN A . n 
A 1 333 LYS 333 333 333 LYS LYS A . n 
A 1 334 THR 334 334 334 THR THR A . n 
A 1 335 ARG 335 335 335 ARG ARG A . n 
A 1 336 ALA 336 336 336 ALA ALA A . n 
A 1 337 LYS 337 337 337 LYS LYS A . n 
A 1 338 LYS 338 338 338 LYS LYS A . n 
A 1 339 ALA 339 339 339 ALA ALA A . n 
A 1 340 GLU 340 340 340 GLU GLU A . n 
A 1 341 TRP 341 341 341 TRP TRP A . n 
A 1 342 GLN 342 342 342 GLN GLN A . n 
A 1 343 ASP 343 343 343 ASP ASP A . n 
A 1 344 ALA 344 344 344 ALA ALA A . n 
A 1 345 PHE 345 345 345 PHE PHE A . n 
A 1 346 LYS 346 346 346 LYS LYS A . n 
A 1 347 LYS 347 347 347 LYS LYS A . n 
A 1 348 ALA 348 348 348 ALA ALA A . n 
A 1 349 ILE 349 349 349 ILE ILE A . n 
A 1 350 ASP 350 350 350 ASP ASP A . n 
A 1 351 LEU 351 351 351 LEU LEU A . n 
# 
_pdbx_nonpoly_scheme.asym_id         B 
_pdbx_nonpoly_scheme.entity_id       2 
_pdbx_nonpoly_scheme.mon_id          UDP 
_pdbx_nonpoly_scheme.ndb_seq_num     1 
_pdbx_nonpoly_scheme.pdb_seq_num     353 
_pdbx_nonpoly_scheme.auth_seq_num    353 
_pdbx_nonpoly_scheme.pdb_mon_id      UDP 
_pdbx_nonpoly_scheme.auth_mon_id     UDP 
_pdbx_nonpoly_scheme.pdb_strand_id   A 
_pdbx_nonpoly_scheme.pdb_ins_code    . 
# 
loop_
_software.name 
_software.classification 
_software.version 
_software.citation_id 
_software.pdbx_ordinal 
X-PLOR 'model building' . ? 1 
X-PLOR refinement       . ? 2 
X-PLOR phasing          . ? 3 
# 
_cell.entry_id           1BGU 
_cell.length_a           151.920 
_cell.length_b           52.260 
_cell.length_c           52.740 
_cell.angle_alpha        90.00 
_cell.angle_beta         90.00 
_cell.angle_gamma        90.00 
_cell.Z_PDB              4 
_cell.pdbx_unique_axis   ? 
# 
_symmetry.entry_id                         1BGU 
_symmetry.space_group_name_H-M             'P 21 21 2' 
_symmetry.pdbx_full_space_group_name_H-M   ? 
_symmetry.cell_setting                     ? 
_symmetry.Int_Tables_number                18 
# 
_exptl.entry_id          1BGU 
_exptl.method            'X-RAY DIFFRACTION' 
_exptl.crystals_number   ? 
# 
_exptl_crystal.id                    1 
_exptl_crystal.density_meas          ? 
_exptl_crystal.density_Matthews      2.57 
_exptl_crystal.density_percent_sol   52.14 
_exptl_crystal.description           ? 
# 
_diffrn.id                     1 
_diffrn.crystal_id             1 
_diffrn.ambient_temp           ? 
_diffrn.ambient_temp_details   ? 
# 
_refine.entry_id                                 1BGU 
_refine.ls_number_reflns_obs                     20885 
_refine.ls_number_reflns_all                     ? 
_refine.pdbx_ls_sigma_I                          ? 
_refine.pdbx_ls_sigma_F                          0.0 
_refine.pdbx_data_cutoff_high_absF               ? 
_refine.pdbx_data_cutoff_low_absF                ? 
_refine.pdbx_data_cutoff_high_rms_absF           ? 
_refine.ls_d_res_low                             10.0 
_refine.ls_d_res_high                            2.2 
_refine.ls_percent_reflns_obs                    ? 
_refine.ls_R_factor_obs                          0.1910000 
_refine.ls_R_factor_all                          ? 
_refine.ls_R_factor_R_work                       0.1910000 
_refine.ls_R_factor_R_free                       ? 
_refine.ls_R_factor_R_free_error                 ? 
_refine.ls_R_factor_R_free_error_details         ? 
_refine.ls_percent_reflns_R_free                 ? 
_refine.ls_number_reflns_R_free                  ? 
_refine.ls_number_parameters                     ? 
_refine.ls_number_restraints                     ? 
_refine.occupancy_min                            ? 
_refine.occupancy_max                            ? 
_refine.B_iso_mean                               ? 
_refine.aniso_B[1][1]                            ? 
_refine.aniso_B[2][2]                            ? 
_refine.aniso_B[3][3]                            ? 
_refine.aniso_B[1][2]                            ? 
_refine.aniso_B[1][3]                            ? 
_refine.aniso_B[2][3]                            ? 
_refine.solvent_model_details                    ? 
_refine.solvent_model_param_ksol                 ? 
_refine.solvent_model_param_bsol                 ? 
_refine.pdbx_ls_cross_valid_method               ? 
_refine.details                                  
;THE COORDINATES ARE PRESENTED IN A COORDINATE FRAME THAT IS
TRANSLATED BY 1/4*151.920 ALONG A AND 1/4*52.26 ALONG B.
THUS THE TRANSFORMATION PRESENTED ON *SCALE* RECORDS BELOW
IS NOT THE DEFAULT.

THE DICTIONARY FOR THE UDP PORTION OF THE SUBSTRATE WAS
BUILT USING THE CHARM MINIMIZATION WITHIN QUANTA.
;
_refine.pdbx_starting_model                      ? 
_refine.pdbx_method_to_determine_struct          ? 
_refine.pdbx_isotropic_thermal_model             ? 
_refine.pdbx_stereochemistry_target_values       ? 
_refine.pdbx_stereochem_target_val_spec_case     ? 
_refine.pdbx_R_Free_selection_details            ? 
_refine.pdbx_overall_ESU_R                       ? 
_refine.pdbx_overall_ESU_R_Free                  ? 
_refine.overall_SU_ML                            ? 
_refine.overall_SU_B                             ? 
_refine.pdbx_refine_id                           'X-RAY DIFFRACTION' 
_refine.pdbx_diffrn_id                           1 
_refine.pdbx_TLS_residual_ADP_flag               ? 
_refine.correlation_coeff_Fo_to_Fc               ? 
_refine.correlation_coeff_Fo_to_Fc_free          ? 
_refine.pdbx_solvent_vdw_probe_radii             ? 
_refine.pdbx_solvent_ion_probe_radii             ? 
_refine.pdbx_solvent_shrinkage_radii             ? 
_refine.pdbx_overall_phase_error                 ? 
_refine.overall_SU_R_Cruickshank_DPI             ? 
_refine.pdbx_overall_SU_R_free_Cruickshank_DPI   ? 
_refine.pdbx_overall_SU_R_Blow_DPI               ? 
_refine.pdbx_overall_SU_R_free_Blow_DPI          ? 
# 
_refine_hist.pdbx_refine_id                   'X-RAY DIFFRACTION' 
_refine_hist.cycle_id                         LAST 
_refine_hist.pdbx_number_atoms_protein        328 
_refine_hist.pdbx_number_atoms_nucleic_acid   0 
_refine_hist.pdbx_number_atoms_ligand         25 
_refine_hist.number_atoms_solvent             0 
_refine_hist.number_atoms_total               353 
_refine_hist.d_res_high                       2.2 
_refine_hist.d_res_low                        10.0 
# 
loop_
_refine_ls_restr.type 
_refine_ls_restr.dev_ideal 
_refine_ls_restr.dev_ideal_target 
_refine_ls_restr.weight 
_refine_ls_restr.number 
_refine_ls_restr.pdbx_refine_id 
_refine_ls_restr.pdbx_restraint_function 
x_bond_d                0.011 ? ? ? 'X-RAY DIFFRACTION' ? 
x_bond_d_na             ?     ? ? ? 'X-RAY DIFFRACTION' ? 
x_bond_d_prot           ?     ? ? ? 'X-RAY DIFFRACTION' ? 
x_angle_d               ?     ? ? ? 'X-RAY DIFFRACTION' ? 
x_angle_d_na            ?     ? ? ? 'X-RAY DIFFRACTION' ? 
x_angle_d_prot          ?     ? ? ? 'X-RAY DIFFRACTION' ? 
x_angle_deg             ?     ? ? ? 'X-RAY DIFFRACTION' ? 
x_angle_deg_na          ?     ? ? ? 'X-RAY DIFFRACTION' ? 
x_angle_deg_prot        ?     ? ? ? 'X-RAY DIFFRACTION' ? 
x_dihedral_angle_d      ?     ? ? ? 'X-RAY DIFFRACTION' ? 
x_dihedral_angle_d_na   ?     ? ? ? 'X-RAY DIFFRACTION' ? 
x_dihedral_angle_d_prot ?     ? ? ? 'X-RAY DIFFRACTION' ? 
x_improper_angle_d      ?     ? ? ? 'X-RAY DIFFRACTION' ? 
x_improper_angle_d_na   ?     ? ? ? 'X-RAY DIFFRACTION' ? 
x_improper_angle_d_prot ?     ? ? ? 'X-RAY DIFFRACTION' ? 
x_mcbond_it             ?     ? ? ? 'X-RAY DIFFRACTION' ? 
x_mcangle_it            ?     ? ? ? 'X-RAY DIFFRACTION' ? 
x_scbond_it             ?     ? ? ? 'X-RAY DIFFRACTION' ? 
x_scangle_it            ?     ? ? ? 'X-RAY DIFFRACTION' ? 
# 
_struct.entry_id                  1BGU 
_struct.title                     
;CRYSTAL STRUCTURE OF THE DNA MODIFYING ENZYME BETA-GLUCOSYLTRANSFERASE IN THE PRESENCE AND ABSENCE OF THE SUBSTRATE URIDINE DIPHOSPHOGLUCOSE
;
_struct.pdbx_model_details        ? 
_struct.pdbx_CASP_flag            ? 
_struct.pdbx_model_type_details   ? 
# 
_struct_keywords.entry_id        1BGU 
_struct_keywords.pdbx_keywords   'TRANSFERASE(GLUCOSYLTRANSFERASE)' 
_struct_keywords.text            'TRANSFERASE(GLUCOSYLTRANSFERASE)' 
# 
loop_
_struct_asym.id 
_struct_asym.pdbx_blank_PDB_chainid_flag 
_struct_asym.pdbx_modified 
_struct_asym.entity_id 
_struct_asym.details 
A N N 1 ? 
B N N 2 ? 
# 
_struct_ref.id                         1 
_struct_ref.db_name                    UNP 
_struct_ref.db_code                    GSTB_BPT4 
_struct_ref.entity_id                  1 
_struct_ref.pdbx_db_accession          P04547 
_struct_ref.pdbx_align_begin           1 
_struct_ref.pdbx_seq_one_letter_code   
;MKIAIINMGNNVINFKTVPSSETIYLFKVISEMGLNVDIISLKNGVYTKSFDEVDVNDYDRLIVVNSSINFFGGKPNLAI
LSAQKFMAKYKSKIYYLFTDIRLPFSQSWPNVKNRPWAYLYTEEELLIKSPIKVISQGINLDIAKAAHKKVDNVIEFEYF
PIEQYKIHMNDFQLSKPTKKTLDVIYGGSFRSGQRESKMVEFLFDTGLNIEFFGNAREKQFKNPKYPWTKAPVFTGKIPM
NMVSEKNSQAIAALIIGDKNYNDNFITLRVWETMASDAVMLIDEEFDTKHRIINDARFYVNNRAELIDRVNELKHSDVLR
KEMLSIQHDILNKTRAKKAEWQDAFKKAIDL
;
_struct_ref.pdbx_db_isoform            ? 
# 
_struct_ref_seq.align_id                      1 
_struct_ref_seq.ref_id                        1 
_struct_ref_seq.pdbx_PDB_id_code              1BGU 
_struct_ref_seq.pdbx_strand_id                A 
_struct_ref_seq.seq_align_beg                 1 
_struct_ref_seq.pdbx_seq_align_beg_ins_code   ? 
_struct_ref_seq.seq_align_end                 351 
_struct_ref_seq.pdbx_seq_align_end_ins_code   ? 
_struct_ref_seq.pdbx_db_accession             P04547 
_struct_ref_seq.db_align_beg                  1 
_struct_ref_seq.pdbx_db_align_beg_ins_code    ? 
_struct_ref_seq.db_align_end                  351 
_struct_ref_seq.pdbx_db_align_end_ins_code    ? 
_struct_ref_seq.pdbx_auth_seq_align_beg       1 
_struct_ref_seq.pdbx_auth_seq_align_end       351 
# 
_pdbx_struct_assembly.id                   1 
_pdbx_struct_assembly.details              author_defined_assembly 
_pdbx_struct_assembly.method_details       ? 
_pdbx_struct_assembly.oligomeric_details   monomeric 
_pdbx_struct_assembly.oligomeric_count     1 
# 
_pdbx_struct_assembly_gen.assembly_id       1 
_pdbx_struct_assembly_gen.oper_expression   1 
_pdbx_struct_assembly_gen.asym_id_list      A,B 
# 
_pdbx_struct_oper_list.id                   1 
_pdbx_struct_oper_list.type                 'identity operation' 
_pdbx_struct_oper_list.name                 1_555 
_pdbx_struct_oper_list.symmetry_operation   x,y,z 
_pdbx_struct_oper_list.matrix[1][1]         1.0000000000 
_pdbx_struct_oper_list.matrix[1][2]         0.0000000000 
_pdbx_struct_oper_list.matrix[1][3]         0.0000000000 
_pdbx_struct_oper_list.vector[1]            0.0000000000 
_pdbx_struct_oper_list.matrix[2][1]         0.0000000000 
_pdbx_struct_oper_list.matrix[2][2]         1.0000000000 
_pdbx_struct_oper_list.matrix[2][3]         0.0000000000 
_pdbx_struct_oper_list.vector[2]            0.0000000000 
_pdbx_struct_oper_list.matrix[3][1]         0.0000000000 
_pdbx_struct_oper_list.matrix[3][2]         0.0000000000 
_pdbx_struct_oper_list.matrix[3][3]         1.0000000000 
_pdbx_struct_oper_list.vector[3]            0.0000000000 
# 
_struct_biol.id   1 
# 
loop_
_struct_conf.conf_type_id 
_struct_conf.id 
_struct_conf.pdbx_PDB_helix_id 
_struct_conf.beg_label_comp_id 
_struct_conf.beg_label_asym_id 
_struct_conf.beg_label_seq_id 
_struct_conf.pdbx_beg_PDB_ins_code 
_struct_conf.end_label_comp_id 
_struct_conf.end_label_asym_id 
_struct_conf.end_label_seq_id 
_struct_conf.pdbx_end_PDB_ins_code 
_struct_conf.beg_auth_comp_id 
_struct_conf.beg_auth_asym_id 
_struct_conf.beg_auth_seq_id 
_struct_conf.end_auth_comp_id 
_struct_conf.end_auth_asym_id 
_struct_conf.end_auth_seq_id 
_struct_conf.pdbx_PDB_helix_class 
_struct_conf.details 
_struct_conf.pdbx_PDB_helix_length 
HELX_P HELX_P1  H1  VAL A 18  ? ILE A 30  ? VAL A 18  ILE A 30  1 ? 13 
HELX_P HELX_P2  H1A PHE A 51  ? GLU A 53  ? PHE A 51  GLU A 53  5 ? 3  
HELX_P HELX_P3  H1B ASP A 55  ? ASP A 58  ? ASP A 55  ASP A 58  5 ? 4  
HELX_P HELX_P4  H2  LEU A 78  ? MET A 87  ? LEU A 78  MET A 87  1 ? 10 
HELX_P HELX_P5  H3  ASP A 100 ? LEU A 103 ? ASP A 100 LEU A 103 1 ? 4  
HELX_P HELX_P6  H4  GLU A 124 ? LEU A 127 ? GLU A 124 LEU A 127 1 ? 4  
HELX_P HELX_P7  H5  ASN A 140 ? HIS A 148 ? ASN A 140 HIS A 148 1 ? 9  
HELX_P HELX_P8  H6  ILE A 162 ? TYR A 165 ? ILE A 162 TYR A 165 1 ? 4  
HELX_P HELX_P9  H7  GLU A 196 ? LEU A 203 ? GLU A 196 LEU A 203 1 ? 8  
HELX_P HELX_P10 H8  ARG A 217 ? PHE A 221 ? ARG A 217 PHE A 221 5 ? 5  
HELX_P HELX_P11 H9  VAL A 243 ? ASN A 247 ? VAL A 243 ASN A 247 1 ? 5  
HELX_P HELX_P12 H10 LEU A 268 ? ALA A 275 ? LEU A 268 ALA A 275 1 ? 8  
HELX_P HELX_P13 10A GLU A 284 ? ASP A 287 ? GLU A 284 ASP A 287 5 ? 4  
HELX_P HELX_P14 10B ASP A 295 ? PHE A 298 ? ASP A 295 PHE A 298 5 ? 4  
HELX_P HELX_P15 H11 ARG A 303 ? HIS A 315 ? ARG A 303 HIS A 315 1 ? 13 
HELX_P HELX_P16 H12 ASP A 317 ? THR A 334 ? ASP A 317 THR A 334 1 ? 18 
HELX_P HELX_P17 H13 LYS A 338 ? ALA A 348 ? LYS A 338 ALA A 348 1 ? 11 
# 
_struct_conf_type.id          HELX_P 
_struct_conf_type.criteria    ? 
_struct_conf_type.reference   ? 
# 
loop_
_struct_sheet.id 
_struct_sheet.type 
_struct_sheet.number_strands 
_struct_sheet.details 
A ? 7 ? 
B ? 6 ? 
# 
loop_
_struct_sheet_order.sheet_id 
_struct_sheet_order.range_id_1 
_struct_sheet_order.range_id_2 
_struct_sheet_order.offset 
_struct_sheet_order.sense 
A 1 2 ? parallel 
A 2 3 ? parallel 
A 3 4 ? parallel 
A 4 5 ? parallel 
A 5 6 ? parallel 
A 6 7 ? parallel 
B 1 2 ? parallel 
B 2 3 ? parallel 
B 3 4 ? parallel 
B 4 5 ? parallel 
B 5 6 ? parallel 
# 
loop_
_struct_sheet_range.sheet_id 
_struct_sheet_range.id 
_struct_sheet_range.beg_label_comp_id 
_struct_sheet_range.beg_label_asym_id 
_struct_sheet_range.beg_label_seq_id 
_struct_sheet_range.pdbx_beg_PDB_ins_code 
_struct_sheet_range.end_label_comp_id 
_struct_sheet_range.end_label_asym_id 
_struct_sheet_range.end_label_seq_id 
_struct_sheet_range.pdbx_end_PDB_ins_code 
_struct_sheet_range.beg_auth_comp_id 
_struct_sheet_range.beg_auth_asym_id 
_struct_sheet_range.beg_auth_seq_id 
_struct_sheet_range.end_auth_comp_id 
_struct_sheet_range.end_auth_asym_id 
_struct_sheet_range.end_auth_seq_id 
A 1 THR A 48  ? SER A 50  ? THR A 48  SER A 50  
A 2 ASN A 36  ? SER A 41  ? ASN A 36  SER A 41  
A 3 MET A 1   ? ASN A 7   ? MET A 1   ASN A 7   
A 4 ARG A 61  ? VAL A 65  ? ARG A 61  VAL A 65  
A 5 ILE A 94  ? PHE A 98  ? ILE A 94  PHE A 98  
A 6 ILE A 132 ? SER A 136 ? ILE A 132 SER A 136 
A 7 ILE A 155 ? TYR A 159 ? ILE A 155 TYR A 159 
B 1 VAL A 233 ? PHE A 234 ? VAL A 233 PHE A 234 
B 2 ILE A 210 ? PHE A 213 ? ILE A 210 PHE A 213 
B 3 LEU A 182 ? GLY A 187 ? LEU A 182 GLY A 187 
B 4 ALA A 250 ? ILE A 255 ? ALA A 250 ILE A 255 
B 5 VAL A 279 ? ASP A 283 ? VAL A 279 ASP A 283 
B 6 TYR A 299 ? VAL A 300 ? TYR A 299 VAL A 300 
# 
_struct_site.id                   AC1 
_struct_site.pdbx_evidence_code   Software 
_struct_site.pdbx_auth_asym_id    A 
_struct_site.pdbx_auth_comp_id    UDP 
_struct_site.pdbx_auth_seq_id     353 
_struct_site.pdbx_auth_ins_code   ? 
_struct_site.pdbx_num_residues    4 
_struct_site.details              'BINDING SITE FOR RESIDUE UDP A 353' 
# 
loop_
_struct_site_gen.id 
_struct_site_gen.site_id 
_struct_site_gen.pdbx_num_res 
_struct_site_gen.label_comp_id 
_struct_site_gen.label_asym_id 
_struct_site_gen.label_seq_id 
_struct_site_gen.pdbx_auth_ins_code 
_struct_site_gen.auth_comp_id 
_struct_site_gen.auth_asym_id 
_struct_site_gen.auth_seq_id 
_struct_site_gen.label_atom_id 
_struct_site_gen.label_alt_id 
_struct_site_gen.symmetry 
_struct_site_gen.details 
1 AC1 4 GLY A 188 ? GLY A 188 . ? 1_555 ? 
2 AC1 4 GLY A 214 ? GLY A 214 . ? 1_555 ? 
3 AC1 4 LYS A 237 ? LYS A 237 . ? 1_555 ? 
4 AC1 4 MET A 240 ? MET A 240 . ? 1_555 ? 
# 
loop_
_pdbx_unobs_or_zero_occ_residues.id 
_pdbx_unobs_or_zero_occ_residues.PDB_model_num 
_pdbx_unobs_or_zero_occ_residues.polymer_flag 
_pdbx_unobs_or_zero_occ_residues.occupancy_flag 
_pdbx_unobs_or_zero_occ_residues.auth_asym_id 
_pdbx_unobs_or_zero_occ_residues.auth_comp_id 
_pdbx_unobs_or_zero_occ_residues.auth_seq_id 
_pdbx_unobs_or_zero_occ_residues.PDB_ins_code 
_pdbx_unobs_or_zero_occ_residues.label_asym_id 
_pdbx_unobs_or_zero_occ_residues.label_comp_id 
_pdbx_unobs_or_zero_occ_residues.label_seq_id 
1  1 Y 1 A SER 68  ? A SER 68  
2  1 Y 1 A ILE 69  ? A ILE 69  
3  1 Y 1 A ASN 70  ? A ASN 70  
4  1 Y 1 A PHE 71  ? A PHE 71  
5  1 Y 1 A PHE 72  ? A PHE 72  
6  1 Y 1 A GLY 73  ? A GLY 73  
7  1 Y 1 A GLY 74  ? A GLY 74  
8  1 Y 1 A LYS 75  ? A LYS 75  
9  1 Y 1 A PRO 76  ? A PRO 76  
10 1 Y 1 A TRP 109 ? A TRP 109 
11 1 Y 1 A PRO 110 ? A PRO 110 
12 1 Y 1 A ASN 111 ? A ASN 111 
13 1 Y 1 A VAL 112 ? A VAL 112 
14 1 Y 1 A LYS 113 ? A LYS 113 
15 1 Y 1 A ASN 114 ? A ASN 114 
16 1 Y 1 A ARG 115 ? A ARG 115 
17 1 Y 1 A PRO 116 ? A PRO 116 
18 1 Y 1 A TRP 117 ? A TRP 117 
19 1 Y 1 A ALA 118 ? A ALA 118 
20 1 Y 1 A TYR 119 ? A TYR 119 
21 1 Y 1 A LEU 120 ? A LEU 120 
22 1 Y 1 A TYR 121 ? A TYR 121 
23 1 Y 1 A THR 122 ? A THR 122 
# 
loop_
_chem_comp_atom.comp_id 
_chem_comp_atom.atom_id 
_chem_comp_atom.type_symbol 
_chem_comp_atom.pdbx_aromatic_flag 
_chem_comp_atom.pdbx_stereo_config 
_chem_comp_atom.pdbx_ordinal 
ALA N      N N N 1   
ALA CA     C N S 2   
ALA C      C N N 3   
ALA O      O N N 4   
ALA CB     C N N 5   
ALA OXT    O N N 6   
ALA H      H N N 7   
ALA H2     H N N 8   
ALA HA     H N N 9   
ALA HB1    H N N 10  
ALA HB2    H N N 11  
ALA HB3    H N N 12  
ALA HXT    H N N 13  
ARG N      N N N 14  
ARG CA     C N S 15  
ARG C      C N N 16  
ARG O      O N N 17  
ARG CB     C N N 18  
ARG CG     C N N 19  
ARG CD     C N N 20  
ARG NE     N N N 21  
ARG CZ     C N N 22  
ARG NH1    N N N 23  
ARG NH2    N N N 24  
ARG OXT    O N N 25  
ARG H      H N N 26  
ARG H2     H N N 27  
ARG HA     H N N 28  
ARG HB2    H N N 29  
ARG HB3    H N N 30  
ARG HG2    H N N 31  
ARG HG3    H N N 32  
ARG HD2    H N N 33  
ARG HD3    H N N 34  
ARG HE     H N N 35  
ARG HH11   H N N 36  
ARG HH12   H N N 37  
ARG HH21   H N N 38  
ARG HH22   H N N 39  
ARG HXT    H N N 40  
ASN N      N N N 41  
ASN CA     C N S 42  
ASN C      C N N 43  
ASN O      O N N 44  
ASN CB     C N N 45  
ASN CG     C N N 46  
ASN OD1    O N N 47  
ASN ND2    N N N 48  
ASN OXT    O N N 49  
ASN H      H N N 50  
ASN H2     H N N 51  
ASN HA     H N N 52  
ASN HB2    H N N 53  
ASN HB3    H N N 54  
ASN HD21   H N N 55  
ASN HD22   H N N 56  
ASN HXT    H N N 57  
ASP N      N N N 58  
ASP CA     C N S 59  
ASP C      C N N 60  
ASP O      O N N 61  
ASP CB     C N N 62  
ASP CG     C N N 63  
ASP OD1    O N N 64  
ASP OD2    O N N 65  
ASP OXT    O N N 66  
ASP H      H N N 67  
ASP H2     H N N 68  
ASP HA     H N N 69  
ASP HB2    H N N 70  
ASP HB3    H N N 71  
ASP HD2    H N N 72  
ASP HXT    H N N 73  
GLN N      N N N 74  
GLN CA     C N S 75  
GLN C      C N N 76  
GLN O      O N N 77  
GLN CB     C N N 78  
GLN CG     C N N 79  
GLN CD     C N N 80  
GLN OE1    O N N 81  
GLN NE2    N N N 82  
GLN OXT    O N N 83  
GLN H      H N N 84  
GLN H2     H N N 85  
GLN HA     H N N 86  
GLN HB2    H N N 87  
GLN HB3    H N N 88  
GLN HG2    H N N 89  
GLN HG3    H N N 90  
GLN HE21   H N N 91  
GLN HE22   H N N 92  
GLN HXT    H N N 93  
GLU N      N N N 94  
GLU CA     C N S 95  
GLU C      C N N 96  
GLU O      O N N 97  
GLU CB     C N N 98  
GLU CG     C N N 99  
GLU CD     C N N 100 
GLU OE1    O N N 101 
GLU OE2    O N N 102 
GLU OXT    O N N 103 
GLU H      H N N 104 
GLU H2     H N N 105 
GLU HA     H N N 106 
GLU HB2    H N N 107 
GLU HB3    H N N 108 
GLU HG2    H N N 109 
GLU HG3    H N N 110 
GLU HE2    H N N 111 
GLU HXT    H N N 112 
GLY N      N N N 113 
GLY CA     C N N 114 
GLY C      C N N 115 
GLY O      O N N 116 
GLY OXT    O N N 117 
GLY H      H N N 118 
GLY H2     H N N 119 
GLY HA2    H N N 120 
GLY HA3    H N N 121 
GLY HXT    H N N 122 
HIS N      N N N 123 
HIS CA     C N S 124 
HIS C      C N N 125 
HIS O      O N N 126 
HIS CB     C N N 127 
HIS CG     C Y N 128 
HIS ND1    N Y N 129 
HIS CD2    C Y N 130 
HIS CE1    C Y N 131 
HIS NE2    N Y N 132 
HIS OXT    O N N 133 
HIS H      H N N 134 
HIS H2     H N N 135 
HIS HA     H N N 136 
HIS HB2    H N N 137 
HIS HB3    H N N 138 
HIS HD1    H N N 139 
HIS HD2    H N N 140 
HIS HE1    H N N 141 
HIS HE2    H N N 142 
HIS HXT    H N N 143 
ILE N      N N N 144 
ILE CA     C N S 145 
ILE C      C N N 146 
ILE O      O N N 147 
ILE CB     C N S 148 
ILE CG1    C N N 149 
ILE CG2    C N N 150 
ILE CD1    C N N 151 
ILE OXT    O N N 152 
ILE H      H N N 153 
ILE H2     H N N 154 
ILE HA     H N N 155 
ILE HB     H N N 156 
ILE HG12   H N N 157 
ILE HG13   H N N 158 
ILE HG21   H N N 159 
ILE HG22   H N N 160 
ILE HG23   H N N 161 
ILE HD11   H N N 162 
ILE HD12   H N N 163 
ILE HD13   H N N 164 
ILE HXT    H N N 165 
LEU N      N N N 166 
LEU CA     C N S 167 
LEU C      C N N 168 
LEU O      O N N 169 
LEU CB     C N N 170 
LEU CG     C N N 171 
LEU CD1    C N N 172 
LEU CD2    C N N 173 
LEU OXT    O N N 174 
LEU H      H N N 175 
LEU H2     H N N 176 
LEU HA     H N N 177 
LEU HB2    H N N 178 
LEU HB3    H N N 179 
LEU HG     H N N 180 
LEU HD11   H N N 181 
LEU HD12   H N N 182 
LEU HD13   H N N 183 
LEU HD21   H N N 184 
LEU HD22   H N N 185 
LEU HD23   H N N 186 
LEU HXT    H N N 187 
LYS N      N N N 188 
LYS CA     C N S 189 
LYS C      C N N 190 
LYS O      O N N 191 
LYS CB     C N N 192 
LYS CG     C N N 193 
LYS CD     C N N 194 
LYS CE     C N N 195 
LYS NZ     N N N 196 
LYS OXT    O N N 197 
LYS H      H N N 198 
LYS H2     H N N 199 
LYS HA     H N N 200 
LYS HB2    H N N 201 
LYS HB3    H N N 202 
LYS HG2    H N N 203 
LYS HG3    H N N 204 
LYS HD2    H N N 205 
LYS HD3    H N N 206 
LYS HE2    H N N 207 
LYS HE3    H N N 208 
LYS HZ1    H N N 209 
LYS HZ2    H N N 210 
LYS HZ3    H N N 211 
LYS HXT    H N N 212 
MET N      N N N 213 
MET CA     C N S 214 
MET C      C N N 215 
MET O      O N N 216 
MET CB     C N N 217 
MET CG     C N N 218 
MET SD     S N N 219 
MET CE     C N N 220 
MET OXT    O N N 221 
MET H      H N N 222 
MET H2     H N N 223 
MET HA     H N N 224 
MET HB2    H N N 225 
MET HB3    H N N 226 
MET HG2    H N N 227 
MET HG3    H N N 228 
MET HE1    H N N 229 
MET HE2    H N N 230 
MET HE3    H N N 231 
MET HXT    H N N 232 
PHE N      N N N 233 
PHE CA     C N S 234 
PHE C      C N N 235 
PHE O      O N N 236 
PHE CB     C N N 237 
PHE CG     C Y N 238 
PHE CD1    C Y N 239 
PHE CD2    C Y N 240 
PHE CE1    C Y N 241 
PHE CE2    C Y N 242 
PHE CZ     C Y N 243 
PHE OXT    O N N 244 
PHE H      H N N 245 
PHE H2     H N N 246 
PHE HA     H N N 247 
PHE HB2    H N N 248 
PHE HB3    H N N 249 
PHE HD1    H N N 250 
PHE HD2    H N N 251 
PHE HE1    H N N 252 
PHE HE2    H N N 253 
PHE HZ     H N N 254 
PHE HXT    H N N 255 
PRO N      N N N 256 
PRO CA     C N S 257 
PRO C      C N N 258 
PRO O      O N N 259 
PRO CB     C N N 260 
PRO CG     C N N 261 
PRO CD     C N N 262 
PRO OXT    O N N 263 
PRO H      H N N 264 
PRO HA     H N N 265 
PRO HB2    H N N 266 
PRO HB3    H N N 267 
PRO HG2    H N N 268 
PRO HG3    H N N 269 
PRO HD2    H N N 270 
PRO HD3    H N N 271 
PRO HXT    H N N 272 
SER N      N N N 273 
SER CA     C N S 274 
SER C      C N N 275 
SER O      O N N 276 
SER CB     C N N 277 
SER OG     O N N 278 
SER OXT    O N N 279 
SER H      H N N 280 
SER H2     H N N 281 
SER HA     H N N 282 
SER HB2    H N N 283 
SER HB3    H N N 284 
SER HG     H N N 285 
SER HXT    H N N 286 
THR N      N N N 287 
THR CA     C N S 288 
THR C      C N N 289 
THR O      O N N 290 
THR CB     C N R 291 
THR OG1    O N N 292 
THR CG2    C N N 293 
THR OXT    O N N 294 
THR H      H N N 295 
THR H2     H N N 296 
THR HA     H N N 297 
THR HB     H N N 298 
THR HG1    H N N 299 
THR HG21   H N N 300 
THR HG22   H N N 301 
THR HG23   H N N 302 
THR HXT    H N N 303 
TRP N      N N N 304 
TRP CA     C N S 305 
TRP C      C N N 306 
TRP O      O N N 307 
TRP CB     C N N 308 
TRP CG     C Y N 309 
TRP CD1    C Y N 310 
TRP CD2    C Y N 311 
TRP NE1    N Y N 312 
TRP CE2    C Y N 313 
TRP CE3    C Y N 314 
TRP CZ2    C Y N 315 
TRP CZ3    C Y N 316 
TRP CH2    C Y N 317 
TRP OXT    O N N 318 
TRP H      H N N 319 
TRP H2     H N N 320 
TRP HA     H N N 321 
TRP HB2    H N N 322 
TRP HB3    H N N 323 
TRP HD1    H N N 324 
TRP HE1    H N N 325 
TRP HE3    H N N 326 
TRP HZ2    H N N 327 
TRP HZ3    H N N 328 
TRP HH2    H N N 329 
TRP HXT    H N N 330 
TYR N      N N N 331 
TYR CA     C N S 332 
TYR C      C N N 333 
TYR O      O N N 334 
TYR CB     C N N 335 
TYR CG     C Y N 336 
TYR CD1    C Y N 337 
TYR CD2    C Y N 338 
TYR CE1    C Y N 339 
TYR CE2    C Y N 340 
TYR CZ     C Y N 341 
TYR OH     O N N 342 
TYR OXT    O N N 343 
TYR H      H N N 344 
TYR H2     H N N 345 
TYR HA     H N N 346 
TYR HB2    H N N 347 
TYR HB3    H N N 348 
TYR HD1    H N N 349 
TYR HD2    H N N 350 
TYR HE1    H N N 351 
TYR HE2    H N N 352 
TYR HH     H N N 353 
TYR HXT    H N N 354 
UDP N1     N N N 355 
UDP C2     C N N 356 
UDP N3     N N N 357 
UDP C4     C N N 358 
UDP C5     C N N 359 
UDP C6     C N N 360 
UDP O2     O N N 361 
UDP O4     O N N 362 
UDP "C1'"  C N R 363 
UDP "C2'"  C N R 364 
UDP "O2'"  O N N 365 
UDP "C3'"  C N S 366 
UDP "C4'"  C N R 367 
UDP "O4'"  O N N 368 
UDP "O3'"  O N N 369 
UDP "C5'"  C N N 370 
UDP "O5'"  O N N 371 
UDP PA     P N N 372 
UDP O1A    O N N 373 
UDP O2A    O N N 374 
UDP O3A    O N N 375 
UDP PB     P N N 376 
UDP O1B    O N N 377 
UDP O2B    O N N 378 
UDP O3B    O N N 379 
UDP HN3    H N N 380 
UDP H5     H N N 381 
UDP H6     H N N 382 
UDP "H1'"  H N N 383 
UDP "H2'"  H N N 384 
UDP "HO2'" H N N 385 
UDP "H3'"  H N N 386 
UDP "H4'"  H N N 387 
UDP "HO3'" H N N 388 
UDP "H5'1" H N N 389 
UDP "H5'2" H N N 390 
UDP HOA2   H N N 391 
UDP HOB2   H N N 392 
UDP HOB3   H N N 393 
VAL N      N N N 394 
VAL CA     C N S 395 
VAL C      C N N 396 
VAL O      O N N 397 
VAL CB     C N N 398 
VAL CG1    C N N 399 
VAL CG2    C N N 400 
VAL OXT    O N N 401 
VAL H      H N N 402 
VAL H2     H N N 403 
VAL HA     H N N 404 
VAL HB     H N N 405 
VAL HG11   H N N 406 
VAL HG12   H N N 407 
VAL HG13   H N N 408 
VAL HG21   H N N 409 
VAL HG22   H N N 410 
VAL HG23   H N N 411 
VAL HXT    H N N 412 
# 
loop_
_chem_comp_bond.comp_id 
_chem_comp_bond.atom_id_1 
_chem_comp_bond.atom_id_2 
_chem_comp_bond.value_order 
_chem_comp_bond.pdbx_aromatic_flag 
_chem_comp_bond.pdbx_stereo_config 
_chem_comp_bond.pdbx_ordinal 
ALA N     CA     sing N N 1   
ALA N     H      sing N N 2   
ALA N     H2     sing N N 3   
ALA CA    C      sing N N 4   
ALA CA    CB     sing N N 5   
ALA CA    HA     sing N N 6   
ALA C     O      doub N N 7   
ALA C     OXT    sing N N 8   
ALA CB    HB1    sing N N 9   
ALA CB    HB2    sing N N 10  
ALA CB    HB3    sing N N 11  
ALA OXT   HXT    sing N N 12  
ARG N     CA     sing N N 13  
ARG N     H      sing N N 14  
ARG N     H2     sing N N 15  
ARG CA    C      sing N N 16  
ARG CA    CB     sing N N 17  
ARG CA    HA     sing N N 18  
ARG C     O      doub N N 19  
ARG C     OXT    sing N N 20  
ARG CB    CG     sing N N 21  
ARG CB    HB2    sing N N 22  
ARG CB    HB3    sing N N 23  
ARG CG    CD     sing N N 24  
ARG CG    HG2    sing N N 25  
ARG CG    HG3    sing N N 26  
ARG CD    NE     sing N N 27  
ARG CD    HD2    sing N N 28  
ARG CD    HD3    sing N N 29  
ARG NE    CZ     sing N N 30  
ARG NE    HE     sing N N 31  
ARG CZ    NH1    sing N N 32  
ARG CZ    NH2    doub N N 33  
ARG NH1   HH11   sing N N 34  
ARG NH1   HH12   sing N N 35  
ARG NH2   HH21   sing N N 36  
ARG NH2   HH22   sing N N 37  
ARG OXT   HXT    sing N N 38  
ASN N     CA     sing N N 39  
ASN N     H      sing N N 40  
ASN N     H2     sing N N 41  
ASN CA    C      sing N N 42  
ASN CA    CB     sing N N 43  
ASN CA    HA     sing N N 44  
ASN C     O      doub N N 45  
ASN C     OXT    sing N N 46  
ASN CB    CG     sing N N 47  
ASN CB    HB2    sing N N 48  
ASN CB    HB3    sing N N 49  
ASN CG    OD1    doub N N 50  
ASN CG    ND2    sing N N 51  
ASN ND2   HD21   sing N N 52  
ASN ND2   HD22   sing N N 53  
ASN OXT   HXT    sing N N 54  
ASP N     CA     sing N N 55  
ASP N     H      sing N N 56  
ASP N     H2     sing N N 57  
ASP CA    C      sing N N 58  
ASP CA    CB     sing N N 59  
ASP CA    HA     sing N N 60  
ASP C     O      doub N N 61  
ASP C     OXT    sing N N 62  
ASP CB    CG     sing N N 63  
ASP CB    HB2    sing N N 64  
ASP CB    HB3    sing N N 65  
ASP CG    OD1    doub N N 66  
ASP CG    OD2    sing N N 67  
ASP OD2   HD2    sing N N 68  
ASP OXT   HXT    sing N N 69  
GLN N     CA     sing N N 70  
GLN N     H      sing N N 71  
GLN N     H2     sing N N 72  
GLN CA    C      sing N N 73  
GLN CA    CB     sing N N 74  
GLN CA    HA     sing N N 75  
GLN C     O      doub N N 76  
GLN C     OXT    sing N N 77  
GLN CB    CG     sing N N 78  
GLN CB    HB2    sing N N 79  
GLN CB    HB3    sing N N 80  
GLN CG    CD     sing N N 81  
GLN CG    HG2    sing N N 82  
GLN CG    HG3    sing N N 83  
GLN CD    OE1    doub N N 84  
GLN CD    NE2    sing N N 85  
GLN NE2   HE21   sing N N 86  
GLN NE2   HE22   sing N N 87  
GLN OXT   HXT    sing N N 88  
GLU N     CA     sing N N 89  
GLU N     H      sing N N 90  
GLU N     H2     sing N N 91  
GLU CA    C      sing N N 92  
GLU CA    CB     sing N N 93  
GLU CA    HA     sing N N 94  
GLU C     O      doub N N 95  
GLU C     OXT    sing N N 96  
GLU CB    CG     sing N N 97  
GLU CB    HB2    sing N N 98  
GLU CB    HB3    sing N N 99  
GLU CG    CD     sing N N 100 
GLU CG    HG2    sing N N 101 
GLU CG    HG3    sing N N 102 
GLU CD    OE1    doub N N 103 
GLU CD    OE2    sing N N 104 
GLU OE2   HE2    sing N N 105 
GLU OXT   HXT    sing N N 106 
GLY N     CA     sing N N 107 
GLY N     H      sing N N 108 
GLY N     H2     sing N N 109 
GLY CA    C      sing N N 110 
GLY CA    HA2    sing N N 111 
GLY CA    HA3    sing N N 112 
GLY C     O      doub N N 113 
GLY C     OXT    sing N N 114 
GLY OXT   HXT    sing N N 115 
HIS N     CA     sing N N 116 
HIS N     H      sing N N 117 
HIS N     H2     sing N N 118 
HIS CA    C      sing N N 119 
HIS CA    CB     sing N N 120 
HIS CA    HA     sing N N 121 
HIS C     O      doub N N 122 
HIS C     OXT    sing N N 123 
HIS CB    CG     sing N N 124 
HIS CB    HB2    sing N N 125 
HIS CB    HB3    sing N N 126 
HIS CG    ND1    sing Y N 127 
HIS CG    CD2    doub Y N 128 
HIS ND1   CE1    doub Y N 129 
HIS ND1   HD1    sing N N 130 
HIS CD2   NE2    sing Y N 131 
HIS CD2   HD2    sing N N 132 
HIS CE1   NE2    sing Y N 133 
HIS CE1   HE1    sing N N 134 
HIS NE2   HE2    sing N N 135 
HIS OXT   HXT    sing N N 136 
ILE N     CA     sing N N 137 
ILE N     H      sing N N 138 
ILE N     H2     sing N N 139 
ILE CA    C      sing N N 140 
ILE CA    CB     sing N N 141 
ILE CA    HA     sing N N 142 
ILE C     O      doub N N 143 
ILE C     OXT    sing N N 144 
ILE CB    CG1    sing N N 145 
ILE CB    CG2    sing N N 146 
ILE CB    HB     sing N N 147 
ILE CG1   CD1    sing N N 148 
ILE CG1   HG12   sing N N 149 
ILE CG1   HG13   sing N N 150 
ILE CG2   HG21   sing N N 151 
ILE CG2   HG22   sing N N 152 
ILE CG2   HG23   sing N N 153 
ILE CD1   HD11   sing N N 154 
ILE CD1   HD12   sing N N 155 
ILE CD1   HD13   sing N N 156 
ILE OXT   HXT    sing N N 157 
LEU N     CA     sing N N 158 
LEU N     H      sing N N 159 
LEU N     H2     sing N N 160 
LEU CA    C      sing N N 161 
LEU CA    CB     sing N N 162 
LEU CA    HA     sing N N 163 
LEU C     O      doub N N 164 
LEU C     OXT    sing N N 165 
LEU CB    CG     sing N N 166 
LEU CB    HB2    sing N N 167 
LEU CB    HB3    sing N N 168 
LEU CG    CD1    sing N N 169 
LEU CG    CD2    sing N N 170 
LEU CG    HG     sing N N 171 
LEU CD1   HD11   sing N N 172 
LEU CD1   HD12   sing N N 173 
LEU CD1   HD13   sing N N 174 
LEU CD2   HD21   sing N N 175 
LEU CD2   HD22   sing N N 176 
LEU CD2   HD23   sing N N 177 
LEU OXT   HXT    sing N N 178 
LYS N     CA     sing N N 179 
LYS N     H      sing N N 180 
LYS N     H2     sing N N 181 
LYS CA    C      sing N N 182 
LYS CA    CB     sing N N 183 
LYS CA    HA     sing N N 184 
LYS C     O      doub N N 185 
LYS C     OXT    sing N N 186 
LYS CB    CG     sing N N 187 
LYS CB    HB2    sing N N 188 
LYS CB    HB3    sing N N 189 
LYS CG    CD     sing N N 190 
LYS CG    HG2    sing N N 191 
LYS CG    HG3    sing N N 192 
LYS CD    CE     sing N N 193 
LYS CD    HD2    sing N N 194 
LYS CD    HD3    sing N N 195 
LYS CE    NZ     sing N N 196 
LYS CE    HE2    sing N N 197 
LYS CE    HE3    sing N N 198 
LYS NZ    HZ1    sing N N 199 
LYS NZ    HZ2    sing N N 200 
LYS NZ    HZ3    sing N N 201 
LYS OXT   HXT    sing N N 202 
MET N     CA     sing N N 203 
MET N     H      sing N N 204 
MET N     H2     sing N N 205 
MET CA    C      sing N N 206 
MET CA    CB     sing N N 207 
MET CA    HA     sing N N 208 
MET C     O      doub N N 209 
MET C     OXT    sing N N 210 
MET CB    CG     sing N N 211 
MET CB    HB2    sing N N 212 
MET CB    HB3    sing N N 213 
MET CG    SD     sing N N 214 
MET CG    HG2    sing N N 215 
MET CG    HG3    sing N N 216 
MET SD    CE     sing N N 217 
MET CE    HE1    sing N N 218 
MET CE    HE2    sing N N 219 
MET CE    HE3    sing N N 220 
MET OXT   HXT    sing N N 221 
PHE N     CA     sing N N 222 
PHE N     H      sing N N 223 
PHE N     H2     sing N N 224 
PHE CA    C      sing N N 225 
PHE CA    CB     sing N N 226 
PHE CA    HA     sing N N 227 
PHE C     O      doub N N 228 
PHE C     OXT    sing N N 229 
PHE CB    CG     sing N N 230 
PHE CB    HB2    sing N N 231 
PHE CB    HB3    sing N N 232 
PHE CG    CD1    doub Y N 233 
PHE CG    CD2    sing Y N 234 
PHE CD1   CE1    sing Y N 235 
PHE CD1   HD1    sing N N 236 
PHE CD2   CE2    doub Y N 237 
PHE CD2   HD2    sing N N 238 
PHE CE1   CZ     doub Y N 239 
PHE CE1   HE1    sing N N 240 
PHE CE2   CZ     sing Y N 241 
PHE CE2   HE2    sing N N 242 
PHE CZ    HZ     sing N N 243 
PHE OXT   HXT    sing N N 244 
PRO N     CA     sing N N 245 
PRO N     CD     sing N N 246 
PRO N     H      sing N N 247 
PRO CA    C      sing N N 248 
PRO CA    CB     sing N N 249 
PRO CA    HA     sing N N 250 
PRO C     O      doub N N 251 
PRO C     OXT    sing N N 252 
PRO CB    CG     sing N N 253 
PRO CB    HB2    sing N N 254 
PRO CB    HB3    sing N N 255 
PRO CG    CD     sing N N 256 
PRO CG    HG2    sing N N 257 
PRO CG    HG3    sing N N 258 
PRO CD    HD2    sing N N 259 
PRO CD    HD3    sing N N 260 
PRO OXT   HXT    sing N N 261 
SER N     CA     sing N N 262 
SER N     H      sing N N 263 
SER N     H2     sing N N 264 
SER CA    C      sing N N 265 
SER CA    CB     sing N N 266 
SER CA    HA     sing N N 267 
SER C     O      doub N N 268 
SER C     OXT    sing N N 269 
SER CB    OG     sing N N 270 
SER CB    HB2    sing N N 271 
SER CB    HB3    sing N N 272 
SER OG    HG     sing N N 273 
SER OXT   HXT    sing N N 274 
THR N     CA     sing N N 275 
THR N     H      sing N N 276 
THR N     H2     sing N N 277 
THR CA    C      sing N N 278 
THR CA    CB     sing N N 279 
THR CA    HA     sing N N 280 
THR C     O      doub N N 281 
THR C     OXT    sing N N 282 
THR CB    OG1    sing N N 283 
THR CB    CG2    sing N N 284 
THR CB    HB     sing N N 285 
THR OG1   HG1    sing N N 286 
THR CG2   HG21   sing N N 287 
THR CG2   HG22   sing N N 288 
THR CG2   HG23   sing N N 289 
THR OXT   HXT    sing N N 290 
TRP N     CA     sing N N 291 
TRP N     H      sing N N 292 
TRP N     H2     sing N N 293 
TRP CA    C      sing N N 294 
TRP CA    CB     sing N N 295 
TRP CA    HA     sing N N 296 
TRP C     O      doub N N 297 
TRP C     OXT    sing N N 298 
TRP CB    CG     sing N N 299 
TRP CB    HB2    sing N N 300 
TRP CB    HB3    sing N N 301 
TRP CG    CD1    doub Y N 302 
TRP CG    CD2    sing Y N 303 
TRP CD1   NE1    sing Y N 304 
TRP CD1   HD1    sing N N 305 
TRP CD2   CE2    doub Y N 306 
TRP CD2   CE3    sing Y N 307 
TRP NE1   CE2    sing Y N 308 
TRP NE1   HE1    sing N N 309 
TRP CE2   CZ2    sing Y N 310 
TRP CE3   CZ3    doub Y N 311 
TRP CE3   HE3    sing N N 312 
TRP CZ2   CH2    doub Y N 313 
TRP CZ2   HZ2    sing N N 314 
TRP CZ3   CH2    sing Y N 315 
TRP CZ3   HZ3    sing N N 316 
TRP CH2   HH2    sing N N 317 
TRP OXT   HXT    sing N N 318 
TYR N     CA     sing N N 319 
TYR N     H      sing N N 320 
TYR N     H2     sing N N 321 
TYR CA    C      sing N N 322 
TYR CA    CB     sing N N 323 
TYR CA    HA     sing N N 324 
TYR C     O      doub N N 325 
TYR C     OXT    sing N N 326 
TYR CB    CG     sing N N 327 
TYR CB    HB2    sing N N 328 
TYR CB    HB3    sing N N 329 
TYR CG    CD1    doub Y N 330 
TYR CG    CD2    sing Y N 331 
TYR CD1   CE1    sing Y N 332 
TYR CD1   HD1    sing N N 333 
TYR CD2   CE2    doub Y N 334 
TYR CD2   HD2    sing N N 335 
TYR CE1   CZ     doub Y N 336 
TYR CE1   HE1    sing N N 337 
TYR CE2   CZ     sing Y N 338 
TYR CE2   HE2    sing N N 339 
TYR CZ    OH     sing N N 340 
TYR OH    HH     sing N N 341 
TYR OXT   HXT    sing N N 342 
UDP N1    C2     sing N N 343 
UDP N1    C6     sing N N 344 
UDP N1    "C1'"  sing N N 345 
UDP C2    N3     sing N N 346 
UDP C2    O2     doub N N 347 
UDP N3    C4     sing N N 348 
UDP N3    HN3    sing N N 349 
UDP C4    C5     sing N N 350 
UDP C4    O4     doub N N 351 
UDP C5    C6     doub N N 352 
UDP C5    H5     sing N N 353 
UDP C6    H6     sing N N 354 
UDP "C1'" "C2'"  sing N N 355 
UDP "C1'" "O4'"  sing N N 356 
UDP "C1'" "H1'"  sing N N 357 
UDP "C2'" "O2'"  sing N N 358 
UDP "C2'" "C3'"  sing N N 359 
UDP "C2'" "H2'"  sing N N 360 
UDP "O2'" "HO2'" sing N N 361 
UDP "C3'" "C4'"  sing N N 362 
UDP "C3'" "O3'"  sing N N 363 
UDP "C3'" "H3'"  sing N N 364 
UDP "C4'" "O4'"  sing N N 365 
UDP "C4'" "C5'"  sing N N 366 
UDP "C4'" "H4'"  sing N N 367 
UDP "O3'" "HO3'" sing N N 368 
UDP "C5'" "O5'"  sing N N 369 
UDP "C5'" "H5'1" sing N N 370 
UDP "C5'" "H5'2" sing N N 371 
UDP "O5'" PA     sing N N 372 
UDP PA    O1A    doub N N 373 
UDP PA    O2A    sing N N 374 
UDP PA    O3A    sing N N 375 
UDP O2A   HOA2   sing N N 376 
UDP O3A   PB     sing N N 377 
UDP PB    O1B    doub N N 378 
UDP PB    O2B    sing N N 379 
UDP PB    O3B    sing N N 380 
UDP O2B   HOB2   sing N N 381 
UDP O3B   HOB3   sing N N 382 
VAL N     CA     sing N N 383 
VAL N     H      sing N N 384 
VAL N     H2     sing N N 385 
VAL CA    C      sing N N 386 
VAL CA    CB     sing N N 387 
VAL CA    HA     sing N N 388 
VAL C     O      doub N N 389 
VAL C     OXT    sing N N 390 
VAL CB    CG1    sing N N 391 
VAL CB    CG2    sing N N 392 
VAL CB    HB     sing N N 393 
VAL CG1   HG11   sing N N 394 
VAL CG1   HG12   sing N N 395 
VAL CG1   HG13   sing N N 396 
VAL CG2   HG21   sing N N 397 
VAL CG2   HG22   sing N N 398 
VAL CG2   HG23   sing N N 399 
VAL OXT   HXT    sing N N 400 
# 
_pdbx_coordinate_model.asym_id   A 
_pdbx_coordinate_model.type      'CA ATOMS ONLY' 
# 
_atom_sites.entry_id                    1BGU 
_atom_sites.fract_transf_matrix[1][1]   -0.00384694 
_atom_sites.fract_transf_matrix[1][2]   0.00337553 
_atom_sites.fract_transf_matrix[1][3]   -0.00413879 
_atom_sites.fract_transf_matrix[2][1]   0.01550503 
_atom_sites.fract_transf_matrix[2][2]   0.00627898 
_atom_sites.fract_transf_matrix[2][3]   -0.00929067 
_atom_sites.fract_transf_matrix[3][1]   -0.00080897 
_atom_sites.fract_transf_matrix[3][2]   -0.01504166 
_atom_sites.fract_transf_matrix[3][3]   -0.01151580 
_atom_sites.fract_transf_vector[1]      0.133108 
_atom_sites.fract_transf_vector[2]      -0.138763 
_atom_sites.fract_transf_vector[3]      0.183437 
# 
loop_
_atom_type.symbol 
C 
N 
O 
P 
# 
loop_
_atom_site.group_PDB 
_atom_site.id 
_atom_site.type_symbol 
_atom_site.label_atom_id 
_atom_site.label_alt_id 
_atom_site.label_comp_id 
_atom_site.label_asym_id 
_atom_site.label_entity_id 
_atom_site.label_seq_id 
_atom_site.pdbx_PDB_ins_code 
_atom_site.Cartn_x 
_atom_site.Cartn_y 
_atom_site.Cartn_z 
_atom_site.occupancy 
_atom_site.B_iso_or_equiv 
_atom_site.pdbx_formal_charge 
_atom_site.auth_seq_id 
_atom_site.auth_comp_id 
_atom_site.auth_asym_id 
_atom_site.auth_atom_id 
_atom_site.pdbx_PDB_model_num 
ATOM   1   C CA    . MET A 1 1   ? 16.489  15.331  15.843  1.00 24.62 ? 1   MET A CA    1 
ATOM   2   C CA    . LYS A 1 2   ? 15.383  11.889  16.988  1.00 20.36 ? 2   LYS A CA    1 
ATOM   3   C CA    . ILE A 1 3   ? 12.452  10.149  15.387  1.00 17.71 ? 3   ILE A CA    1 
ATOM   4   C CA    . ALA A 1 4   ? 10.423  7.133   16.518  1.00 17.07 ? 4   ALA A CA    1 
ATOM   5   C CA    . ILE A 1 5   ? 8.036   4.930   14.531  1.00 17.45 ? 5   ILE A CA    1 
ATOM   6   C CA    . ILE A 1 6   ? 5.379   2.847   16.235  1.00 19.49 ? 6   ILE A CA    1 
ATOM   7   C CA    . ASN A 1 7   ? 2.944   0.397   14.678  1.00 21.47 ? 7   ASN A CA    1 
ATOM   8   C CA    . MET A 1 8   ? -0.353  0.952   16.450  1.00 25.28 ? 8   MET A CA    1 
ATOM   9   C CA    . GLY A 1 9   ? -1.968  -2.425  15.856  1.00 27.26 ? 9   GLY A CA    1 
ATOM   10  C CA    . ASN A 1 10  ? 0.734   -5.026  15.387  1.00 29.27 ? 10  ASN A CA    1 
ATOM   11  C CA    . ASN A 1 11  ? 3.948   -6.240  16.971  1.00 30.79 ? 11  ASN A CA    1 
ATOM   12  C CA    . VAL A 1 12  ? 6.999   -5.455  14.849  1.00 31.05 ? 12  VAL A CA    1 
ATOM   13  C CA    . ILE A 1 13  ? 9.869   -7.887  14.918  1.00 34.47 ? 13  ILE A CA    1 
ATOM   14  C CA    . ASN A 1 14  ? 10.600  -9.627  11.622  1.00 35.94 ? 14  ASN A CA    1 
ATOM   15  C CA    . PHE A 1 15  ? 9.603   -9.886  7.978   1.00 36.14 ? 15  PHE A CA    1 
ATOM   16  C CA    . LYS A 1 16  ? 7.145   -12.709 8.770   1.00 35.94 ? 16  LYS A CA    1 
ATOM   17  C CA    . THR A 1 17  ? 3.973   -10.633 8.643   1.00 33.83 ? 17  THR A CA    1 
ATOM   18  C CA    . VAL A 1 18  ? 3.085   -7.974  6.088   1.00 31.36 ? 18  VAL A CA    1 
ATOM   19  C CA    . PRO A 1 19  ? 2.434   -5.356  8.850   1.00 28.56 ? 19  PRO A CA    1 
ATOM   20  C CA    . SER A 1 20  ? 5.785   -6.000  10.523  1.00 25.63 ? 20  SER A CA    1 
ATOM   21  C CA    . SER A 1 21  ? 7.454   -5.953  7.089   1.00 23.99 ? 21  SER A CA    1 
ATOM   22  C CA    . GLU A 1 22  ? 6.032   -2.681  5.804   1.00 23.25 ? 22  GLU A CA    1 
ATOM   23  C CA    . THR A 1 23  ? 6.975   -1.052  9.132   1.00 19.94 ? 23  THR A CA    1 
ATOM   24  C CA    . ILE A 1 24  ? 10.614  -2.165  8.806   1.00 17.60 ? 24  ILE A CA    1 
ATOM   25  C CA    . TYR A 1 25  ? 10.650  -0.921  5.161   1.00 17.75 ? 25  TYR A CA    1 
ATOM   26  C CA    . LEU A 1 26  ? 9.348   2.517   6.146   1.00 16.99 ? 26  LEU A CA    1 
ATOM   27  C CA    . PHE A 1 27  ? 11.980  2.581   8.888   1.00 16.93 ? 27  PHE A CA    1 
ATOM   28  C CA    . LYS A 1 28  ? 14.592  1.623   6.285   1.00 16.99 ? 28  LYS A CA    1 
ATOM   29  C CA    . VAL A 1 29  ? 13.648  4.329   3.764   1.00 16.63 ? 29  VAL A CA    1 
ATOM   30  C CA    . ILE A 1 30  ? 13.385  6.970   6.527   1.00 16.84 ? 30  ILE A CA    1 
ATOM   31  C CA    . SER A 1 31  ? 16.831  5.934   7.865   1.00 16.91 ? 31  SER A CA    1 
ATOM   32  C CA    . GLU A 1 32  ? 18.295  6.177   4.343   1.00 18.16 ? 32  GLU A CA    1 
ATOM   33  C CA    . MET A 1 33  ? 17.069  9.789   4.289   1.00 18.49 ? 33  MET A CA    1 
ATOM   34  C CA    . GLY A 1 34  ? 19.829  10.466  6.799   1.00 17.50 ? 34  GLY A CA    1 
ATOM   35  C CA    . LEU A 1 35  ? 17.536  10.581  9.794   1.00 16.63 ? 35  LEU A CA    1 
ATOM   36  C CA    . ASN A 1 36  ? 18.262  9.148   13.258  1.00 15.64 ? 36  ASN A CA    1 
ATOM   37  C CA    . VAL A 1 37  ? 15.306  6.749   13.649  1.00 13.79 ? 37  VAL A CA    1 
ATOM   38  C CA    . ASP A 1 38  ? 14.124  3.999   16.048  1.00 12.72 ? 38  ASP A CA    1 
ATOM   39  C CA    . ILE A 1 39  ? 11.101  1.674   15.875  1.00 13.98 ? 39  ILE A CA    1 
ATOM   40  C CA    . ILE A 1 40  ? 9.436   1.167   19.244  1.00 16.34 ? 40  ILE A CA    1 
ATOM   41  C CA    . SER A 1 41  ? 7.522   -2.083  19.757  1.00 18.33 ? 41  SER A CA    1 
ATOM   42  C CA    . LEU A 1 42  ? 6.880   -4.812  22.318  1.00 21.38 ? 42  LEU A CA    1 
ATOM   43  C CA    . LYS A 1 43  ? 10.396  -6.280  22.468  1.00 22.66 ? 43  LYS A CA    1 
ATOM   44  C CA    . ASN A 1 44  ? 14.024  -5.277  22.069  1.00 22.40 ? 44  ASN A CA    1 
ATOM   45  C CA    . GLY A 1 45  ? 15.585  -6.874  19.000  1.00 21.46 ? 45  GLY A CA    1 
ATOM   46  C CA    . VAL A 1 46  ? 17.726  -6.238  15.965  1.00 20.66 ? 46  VAL A CA    1 
ATOM   47  C CA    . TYR A 1 47  ? 15.156  -3.828  14.529  1.00 20.61 ? 47  TYR A CA    1 
ATOM   48  C CA    . THR A 1 48  ? 13.256  -2.667  17.618  1.00 19.58 ? 48  THR A CA    1 
ATOM   49  C CA    . LYS A 1 49  ? 13.420  -1.136  21.088  1.00 19.23 ? 49  LYS A CA    1 
ATOM   50  C CA    . SER A 1 50  ? 10.788  -1.910  23.708  1.00 21.43 ? 50  SER A CA    1 
ATOM   51  C CA    . PHE A 1 51  ? 8.335   0.677   25.009  1.00 24.61 ? 51  PHE A CA    1 
ATOM   52  C CA    . ASP A 1 52  ? 9.787   0.220   28.510  1.00 29.10 ? 52  ASP A CA    1 
ATOM   53  C CA    . GLU A 1 53  ? 13.399  0.735   27.473  1.00 29.26 ? 53  GLU A CA    1 
ATOM   54  C CA    . VAL A 1 54  ? 12.821  4.207   25.971  1.00 28.40 ? 54  VAL A CA    1 
ATOM   55  C CA    . ASP A 1 55  ? 11.430  7.498   27.246  1.00 29.37 ? 55  ASP A CA    1 
ATOM   56  C CA    . VAL A 1 56  ? 8.637   8.606   24.910  1.00 29.51 ? 56  VAL A CA    1 
ATOM   57  C CA    . ASN A 1 57  ? 9.642   12.206  25.392  1.00 28.50 ? 57  ASN A CA    1 
ATOM   58  C CA    . ASP A 1 58  ? 13.229  11.730  24.160  1.00 26.71 ? 58  ASP A CA    1 
ATOM   59  C CA    . TYR A 1 59  ? 11.871  11.759  20.589  1.00 21.53 ? 59  TYR A CA    1 
ATOM   60  C CA    . ASP A 1 60  ? 11.234  14.966  18.701  1.00 19.36 ? 60  ASP A CA    1 
ATOM   61  C CA    . ARG A 1 61  ? 8.871   13.421  16.152  1.00 16.29 ? 61  ARG A CA    1 
ATOM   62  C CA    . LEU A 1 62  ? 6.614   10.444  16.674  1.00 16.01 ? 62  LEU A CA    1 
ATOM   63  C CA    . ILE A 1 63  ? 5.393   8.688   13.482  1.00 16.67 ? 63  ILE A CA    1 
ATOM   64  C CA    . VAL A 1 64  ? 2.507   6.217   13.752  1.00 19.30 ? 64  VAL A CA    1 
ATOM   65  C CA    . VAL A 1 65  ? 1.484   3.594   11.151  1.00 24.44 ? 65  VAL A CA    1 
ATOM   66  C CA    . ASN A 1 66  ? -1.469  1.243   11.443  1.00 30.16 ? 66  ASN A CA    1 
ATOM   67  C CA    . SER A 1 67  ? -2.030  -2.336  10.333  1.00 34.66 ? 67  SER A CA    1 
ATOM   68  C CA    . ASN A 1 77  ? -4.325  -6.696  22.085  1.00 39.15 ? 77  ASN A CA    1 
ATOM   69  C CA    . LEU A 1 78  ? -0.999  -5.902  23.758  1.00 36.17 ? 78  LEU A CA    1 
ATOM   70  C CA    . ALA A 1 79  ? 0.502   -4.054  20.797  1.00 33.50 ? 79  ALA A CA    1 
ATOM   71  C CA    . ILE A 1 80  ? -2.540  -1.752  20.764  1.00 32.14 ? 80  ILE A CA    1 
ATOM   72  C CA    . LEU A 1 81  ? -2.769  -1.234  24.498  1.00 31.31 ? 81  LEU A CA    1 
ATOM   73  C CA    . SER A 1 82  ? 0.968   -0.588  24.660  1.00 29.75 ? 82  SER A CA    1 
ATOM   74  C CA    . ALA A 1 83  ? 0.962   1.919   21.798  1.00 28.07 ? 83  ALA A CA    1 
ATOM   75  C CA    . GLN A 1 84  ? -1.989  3.880   23.280  1.00 27.77 ? 84  GLN A CA    1 
ATOM   76  C CA    . LYS A 1 85  ? -0.387  3.997   26.699  1.00 25.94 ? 85  LYS A CA    1 
ATOM   77  C CA    . PHE A 1 86  ? 2.870   5.193   25.104  1.00 25.36 ? 86  PHE A CA    1 
ATOM   78  C CA    . MET A 1 87  ? 1.251   7.800   22.877  1.00 25.19 ? 87  MET A CA    1 
ATOM   79  C CA    . ALA A 1 88  ? -0.821  9.045   25.817  1.00 23.95 ? 88  ALA A CA    1 
ATOM   80  C CA    . LYS A 1 89  ? 2.403   10.141  27.521  1.00 22.78 ? 89  LYS A CA    1 
ATOM   81  C CA    . TYR A 1 90  ? 3.901   11.848  24.453  1.00 20.62 ? 90  TYR A CA    1 
ATOM   82  C CA    . LYS A 1 91  ? 3.678   15.616  24.868  1.00 21.32 ? 91  LYS A CA    1 
ATOM   83  C CA    . SER A 1 92  ? 3.961   16.669  21.237  1.00 19.59 ? 92  SER A CA    1 
ATOM   84  C CA    . LYS A 1 93  ? 2.235   16.259  17.878  1.00 16.49 ? 93  LYS A CA    1 
ATOM   85  C CA    . ILE A 1 94  ? 1.639   12.748  16.527  1.00 15.55 ? 94  ILE A CA    1 
ATOM   86  C CA    . TYR A 1 95  ? 2.148   12.146  12.772  1.00 13.93 ? 95  TYR A CA    1 
ATOM   87  C CA    . TYR A 1 96  ? -0.214  9.450   11.552  1.00 13.73 ? 96  TYR A CA    1 
ATOM   88  C CA    . LEU A 1 97  ? 0.447   7.736   8.226   1.00 13.30 ? 97  LEU A CA    1 
ATOM   89  C CA    . PHE A 1 98  ? -3.037  7.203   6.720   1.00 13.79 ? 98  PHE A CA    1 
ATOM   90  C CA    . THR A 1 99  ? -2.364  4.373   4.281   1.00 16.02 ? 99  THR A CA    1 
ATOM   91  C CA    . ASP A 1 100 ? -5.601  2.393   4.304   1.00 18.54 ? 100 ASP A CA    1 
ATOM   92  C CA    . ILE A 1 101 ? -9.086  3.910   4.181   1.00 20.46 ? 101 ILE A CA    1 
ATOM   93  C CA    . ARG A 1 102 ? -10.186 1.237   6.629   1.00 21.97 ? 102 ARG A CA    1 
ATOM   94  C CA    . LEU A 1 103 ? -7.560  2.276   9.193   1.00 21.54 ? 103 LEU A CA    1 
ATOM   95  C CA    . PRO A 1 104 ? -7.990  5.932   10.211  1.00 22.10 ? 104 PRO A CA    1 
ATOM   96  C CA    . PHE A 1 105 ? -6.599  6.998   13.560  1.00 25.56 ? 105 PHE A CA    1 
ATOM   97  C CA    . SER A 1 106 ? -8.915  6.286   16.483  1.00 30.98 ? 106 SER A CA    1 
ATOM   98  C CA    . GLN A 1 107 ? -8.534  5.907   20.239  1.00 35.60 ? 107 GLN A CA    1 
ATOM   99  C CA    . SER A 1 108 ? -9.005  2.661   22.208  1.00 39.38 ? 108 SER A CA    1 
ATOM   100 C CA    . GLU A 1 123 ? -8.901  5.101   30.805  1.00 46.24 ? 123 GLU A CA    1 
ATOM   101 C CA    . GLU A 1 124 ? -6.816  8.242   31.374  1.00 45.09 ? 124 GLU A CA    1 
ATOM   102 C CA    . GLU A 1 125 ? -3.622  6.212   30.927  1.00 42.78 ? 125 GLU A CA    1 
ATOM   103 C CA    . LEU A 1 126 ? -4.695  5.552   27.315  1.00 39.36 ? 126 LEU A CA    1 
ATOM   104 C CA    . LEU A 1 127 ? -6.410  8.840   26.435  1.00 34.57 ? 127 LEU A CA    1 
ATOM   105 C CA    . ILE A 1 128 ? -4.320  10.564  23.788  1.00 29.49 ? 128 ILE A CA    1 
ATOM   106 C CA    . LYS A 1 129 ? -4.628  14.360  24.063  1.00 25.96 ? 129 LYS A CA    1 
ATOM   107 C CA    . SER A 1 130 ? -1.895  15.465  21.639  1.00 21.56 ? 130 SER A CA    1 
ATOM   108 C CA    . PRO A 1 131 ? -2.707  17.182  18.368  1.00 17.54 ? 131 PRO A CA    1 
ATOM   109 C CA    . ILE A 1 132 ? -2.614  14.818  15.344  1.00 15.49 ? 132 ILE A CA    1 
ATOM   110 C CA    . LYS A 1 133 ? -1.348  15.395  11.825  1.00 13.33 ? 133 LYS A CA    1 
ATOM   111 C CA    . VAL A 1 134 ? -2.820  12.932  9.356   1.00 13.48 ? 134 VAL A CA    1 
ATOM   112 C CA    . ILE A 1 135 ? -0.514  12.478  6.371   1.00 14.12 ? 135 ILE A CA    1 
ATOM   113 C CA    . SER A 1 136 ? -2.878  11.140  3.732   1.00 14.74 ? 136 SER A CA    1 
ATOM   114 C CA    . GLN A 1 137 ? -1.656  8.787   1.014   1.00 16.19 ? 137 GLN A CA    1 
ATOM   115 C CA    . GLY A 1 138 ? -4.809  9.889   -0.821  1.00 17.59 ? 138 GLY A CA    1 
ATOM   116 C CA    . ILE A 1 139 ? -4.800  13.228  -2.613  1.00 19.99 ? 139 ILE A CA    1 
ATOM   117 C CA    . ASN A 1 140 ? -8.428  13.991  -1.690  1.00 20.90 ? 140 ASN A CA    1 
ATOM   118 C CA    . LEU A 1 141 ? -8.175  15.378  1.835   1.00 21.78 ? 141 LEU A CA    1 
ATOM   119 C CA    . ASP A 1 142 ? -11.979 15.584  2.279   1.00 23.37 ? 142 ASP A CA    1 
ATOM   120 C CA    . ILE A 1 143 ? -12.095 11.796  2.235   1.00 22.96 ? 143 ILE A CA    1 
ATOM   121 C CA    . ALA A 1 144 ? -9.335  11.654  4.882   1.00 21.84 ? 144 ALA A CA    1 
ATOM   122 C CA    . LYS A 1 145 ? -11.377 14.155  6.939   1.00 22.46 ? 145 LYS A CA    1 
ATOM   123 C CA    . ALA A 1 146 ? -14.680 12.257  6.712   1.00 22.39 ? 146 ALA A CA    1 
ATOM   124 C CA    . ALA A 1 147 ? -12.925 9.066   7.812   1.00 23.01 ? 147 ALA A CA    1 
ATOM   125 C CA    . HIS A 1 148 ? -11.575 10.893  10.886  1.00 24.58 ? 148 HIS A CA    1 
ATOM   126 C CA    . LYS A 1 149 ? -14.731 12.850  11.788  1.00 29.01 ? 149 LYS A CA    1 
ATOM   127 C CA    . LYS A 1 150 ? -15.153 11.014  15.116  1.00 31.78 ? 150 LYS A CA    1 
ATOM   128 C CA    . VAL A 1 151 ? -11.671 12.143  16.266  1.00 33.24 ? 151 VAL A CA    1 
ATOM   129 C CA    . ASP A 1 152 ? -11.878 14.852  18.941  1.00 33.99 ? 152 ASP A CA    1 
ATOM   130 C CA    . ASN A 1 153 ? -8.228  15.817  19.006  1.00 30.23 ? 153 ASN A CA    1 
ATOM   131 C CA    . VAL A 1 154 ? -7.027  18.919  17.176  1.00 26.51 ? 154 VAL A CA    1 
ATOM   132 C CA    . ILE A 1 155 ? -6.195  17.437  13.806  1.00 22.21 ? 155 ILE A CA    1 
ATOM   133 C CA    . GLU A 1 156 ? -4.637  18.733  10.597  1.00 18.86 ? 156 GLU A CA    1 
ATOM   134 C CA    . PHE A 1 157 ? -4.357  16.982  7.193   1.00 16.56 ? 157 PHE A CA    1 
ATOM   135 C CA    . GLU A 1 158 ? -1.690  16.806  4.521   1.00 16.87 ? 158 GLU A CA    1 
ATOM   136 C CA    . TYR A 1 159 ? -1.138  14.698  1.425   1.00 15.29 ? 159 TYR A CA    1 
ATOM   137 C CA    . PHE A 1 160 ? 2.054   12.811  0.775   1.00 12.59 ? 160 PHE A CA    1 
ATOM   138 C CA    . PRO A 1 161 ? 2.650   9.818   -1.550  1.00 12.91 ? 161 PRO A CA    1 
ATOM   139 C CA    . ILE A 1 162 ? 3.888   7.495   1.207   1.00 14.00 ? 162 ILE A CA    1 
ATOM   140 C CA    . GLU A 1 163 ? 3.564   4.375   -0.980  1.00 14.61 ? 163 GLU A CA    1 
ATOM   141 C CA    . GLN A 1 164 ? 6.496   5.344   -3.227  1.00 15.48 ? 164 GLN A CA    1 
ATOM   142 C CA    . TYR A 1 165 ? 8.800   4.191   -0.428  1.00 18.20 ? 165 TYR A CA    1 
ATOM   143 C CA    . LYS A 1 166 ? 9.306   0.830   -2.182  1.00 20.36 ? 166 LYS A CA    1 
ATOM   144 C CA    . ILE A 1 167 ? 10.677  2.387   -5.367  1.00 19.45 ? 167 ILE A CA    1 
ATOM   145 C CA    . HIS A 1 168 ? 12.947  4.813   -3.521  1.00 21.40 ? 168 HIS A CA    1 
ATOM   146 C CA    . MET A 1 169 ? 14.675  2.118   -1.505  1.00 26.93 ? 169 MET A CA    1 
ATOM   147 C CA    . ASN A 1 170 ? 18.372  1.871   -2.329  1.00 30.90 ? 170 ASN A CA    1 
ATOM   148 C CA    . ASP A 1 171 ? 18.313  -1.735  -3.465  1.00 32.10 ? 171 ASP A CA    1 
ATOM   149 C CA    . PHE A 1 172 ? 15.262  -1.352  -5.701  1.00 29.85 ? 172 PHE A CA    1 
ATOM   150 C CA    . GLN A 1 173 ? 15.598  -3.365  -8.889  1.00 28.09 ? 173 GLN A CA    1 
ATOM   151 C CA    . LEU A 1 174 ? 13.214  -3.657  -11.862 1.00 26.11 ? 174 LEU A CA    1 
ATOM   152 C CA    . SER A 1 175 ? 11.965  -7.156  -12.684 1.00 24.27 ? 175 SER A CA    1 
ATOM   153 C CA    . LYS A 1 176 ? 13.589  -8.908  -15.649 1.00 22.00 ? 176 LYS A CA    1 
ATOM   154 C CA    . PRO A 1 177 ? 11.834  -10.750 -18.521 1.00 19.79 ? 177 PRO A CA    1 
ATOM   155 C CA    . THR A 1 178 ? 10.120  -13.862 -17.256 1.00 18.85 ? 178 THR A CA    1 
ATOM   156 C CA    . LYS A 1 179 ? 8.540   -16.915 -18.934 1.00 17.60 ? 179 LYS A CA    1 
ATOM   157 C CA    . LYS A 1 180 ? 4.775   -16.466 -18.966 1.00 15.91 ? 180 LYS A CA    1 
ATOM   158 C CA    . THR A 1 181 ? 2.673   -19.205 -17.455 1.00 13.97 ? 181 THR A CA    1 
ATOM   159 C CA    . LEU A 1 182 ? -0.344  -16.992 -16.640 1.00 12.18 ? 182 LEU A CA    1 
ATOM   160 C CA    . ASP A 1 183 ? -2.628  -14.498 -18.348 1.00 10.58 ? 183 ASP A CA    1 
ATOM   161 C CA    . VAL A 1 184 ? -3.621  -12.167 -15.514 1.00 10.05 ? 184 VAL A CA    1 
ATOM   162 C CA    . ILE A 1 185 ? -2.645  -12.060 -11.870 1.00 9.99  ? 185 ILE A CA    1 
ATOM   163 C CA    . TYR A 1 186 ? -3.777  -10.160 -8.783  1.00 11.89 ? 186 TYR A CA    1 
ATOM   164 C CA    . GLY A 1 187 ? -2.351  -10.358 -5.274  1.00 13.99 ? 187 GLY A CA    1 
ATOM   165 C CA    . GLY A 1 188 ? -4.069  -9.248  -2.109  1.00 16.29 ? 188 GLY A CA    1 
ATOM   166 C CA    . SER A 1 189 ? -6.641  -10.004 0.525   1.00 18.78 ? 189 SER A CA    1 
ATOM   167 C CA    . PHE A 1 190 ? -10.466 -10.050 0.606   1.00 19.65 ? 190 PHE A CA    1 
ATOM   168 C CA    . ARG A 1 191 ? -10.554 -6.636  2.292   1.00 20.93 ? 191 ARG A CA    1 
ATOM   169 C CA    . SER A 1 192 ? -13.694 -7.683  4.090   1.00 24.35 ? 192 SER A CA    1 
ATOM   170 C CA    . GLY A 1 193 ? -15.668 -7.656  0.830   1.00 24.01 ? 193 GLY A CA    1 
ATOM   171 C CA    . GLN A 1 194 ? -14.811 -3.998  0.278   1.00 23.64 ? 194 GLN A CA    1 
ATOM   172 C CA    . ARG A 1 195 ? -14.066 -4.641  -3.374  1.00 20.28 ? 195 ARG A CA    1 
ATOM   173 C CA    . GLU A 1 196 ? -15.949 -7.876  -4.040  1.00 19.01 ? 196 GLU A CA    1 
ATOM   174 C CA    . SER A 1 197 ? -17.880 -6.321  -6.911  1.00 17.63 ? 197 SER A CA    1 
ATOM   175 C CA    . LYS A 1 198 ? -14.668 -5.399  -8.757  1.00 14.05 ? 198 LYS A CA    1 
ATOM   176 C CA    . MET A 1 199 ? -12.897 -8.683  -8.032  1.00 12.06 ? 199 MET A CA    1 
ATOM   177 C CA    . VAL A 1 200 ? -15.788 -10.686 -9.517  1.00 12.09 ? 200 VAL A CA    1 
ATOM   178 C CA    . GLU A 1 201 ? -16.125 -8.358  -12.506 1.00 12.01 ? 201 GLU A CA    1 
ATOM   179 C CA    . PHE A 1 202 ? -12.495 -8.535  -13.581 1.00 11.23 ? 202 PHE A CA    1 
ATOM   180 C CA    . LEU A 1 203 ? -11.166 -11.833 -12.217 1.00 10.53 ? 203 LEU A CA    1 
ATOM   181 C CA    . PHE A 1 204 ? -14.033 -14.347 -12.456 1.00 11.14 ? 204 PHE A CA    1 
ATOM   182 C CA    . ASP A 1 205 ? -15.593 -15.978 -15.535 1.00 12.38 ? 205 ASP A CA    1 
ATOM   183 C CA    . THR A 1 206 ? -13.066 -14.469 -17.922 1.00 12.26 ? 206 THR A CA    1 
ATOM   184 C CA    . GLY A 1 207 ? -12.195 -17.745 -19.653 1.00 12.12 ? 207 GLY A CA    1 
ATOM   185 C CA    . LEU A 1 208 ? -8.576  -16.625 -19.085 1.00 11.26 ? 208 LEU A CA    1 
ATOM   186 C CA    . ASN A 1 209 ? -5.885  -18.276 -16.944 1.00 10.36 ? 209 ASN A CA    1 
ATOM   187 C CA    . ILE A 1 210 ? -6.014  -16.128 -13.812 1.00 10.51 ? 210 ILE A CA    1 
ATOM   188 C CA    . GLU A 1 211 ? -4.384  -16.470 -10.400 1.00 11.71 ? 211 GLU A CA    1 
ATOM   189 C CA    . PHE A 1 212 ? -5.339  -14.608 -7.221  1.00 11.58 ? 212 PHE A CA    1 
ATOM   190 C CA    . PHE A 1 213 ? -2.580  -14.921 -4.661  1.00 12.62 ? 213 PHE A CA    1 
ATOM   191 C CA    . GLY A 1 214 ? -2.649  -13.740 -1.078  1.00 16.32 ? 214 GLY A CA    1 
ATOM   192 C CA    . ASN A 1 215 ? -5.127  -14.179 1.767   1.00 20.44 ? 215 ASN A CA    1 
ATOM   193 C CA    . ALA A 1 216 ? -8.410  -14.450 -0.191  1.00 21.50 ? 216 ALA A CA    1 
ATOM   194 C CA    . ARG A 1 217 ? -10.219 -17.778 -0.536  1.00 22.01 ? 217 ARG A CA    1 
ATOM   195 C CA    . GLU A 1 218 ? -12.868 -18.842 -2.984  1.00 23.04 ? 218 GLU A CA    1 
ATOM   196 C CA    . LYS A 1 219 ? -15.328 -19.437 -0.134  1.00 24.05 ? 219 LYS A CA    1 
ATOM   197 C CA    . GLN A 1 220 ? -15.339 -15.771 0.834   1.00 24.09 ? 220 GLN A CA    1 
ATOM   198 C CA    . PHE A 1 221 ? -17.100 -14.867 -2.434  1.00 24.79 ? 221 PHE A CA    1 
ATOM   199 C CA    . LYS A 1 222 ? -20.631 -15.652 -1.332  1.00 28.11 ? 222 LYS A CA    1 
ATOM   200 C CA    . ASN A 1 223 ? -22.450 -12.348 -2.000  1.00 29.76 ? 223 ASN A CA    1 
ATOM   201 C CA    . PRO A 1 224 ? -25.657 -13.048 -4.088  1.00 29.62 ? 224 PRO A CA    1 
ATOM   202 C CA    . LYS A 1 225 ? -25.385 -9.667  -5.813  1.00 28.05 ? 225 LYS A CA    1 
ATOM   203 C CA    . TYR A 1 226 ? -22.261 -10.797 -7.661  1.00 24.77 ? 226 TYR A CA    1 
ATOM   204 C CA    . PRO A 1 227 ? -22.948 -14.112 -9.388  1.00 21.64 ? 227 PRO A CA    1 
ATOM   205 C CA    . TRP A 1 228 ? -20.192 -16.101 -11.093 1.00 19.00 ? 228 TRP A CA    1 
ATOM   206 C CA    . THR A 1 229 ? -19.675 -19.637 -12.355 1.00 18.82 ? 229 THR A CA    1 
ATOM   207 C CA    . LYS A 1 230 ? -15.903 -20.188 -12.381 1.00 18.12 ? 230 LYS A CA    1 
ATOM   208 C CA    . ALA A 1 231 ? -13.355 -18.591 -10.067 1.00 15.57 ? 231 ALA A CA    1 
ATOM   209 C CA    . PRO A 1 232 ? -9.670  -17.815 -10.648 1.00 14.81 ? 232 PRO A CA    1 
ATOM   210 C CA    . VAL A 1 233 ? -7.001  -19.998 -8.981  1.00 15.83 ? 233 VAL A CA    1 
ATOM   211 C CA    . PHE A 1 234 ? -6.382  -19.003 -5.374  1.00 16.87 ? 234 PHE A CA    1 
ATOM   212 C CA    . THR A 1 235 ? -2.839  -19.568 -4.136  1.00 19.09 ? 235 THR A CA    1 
ATOM   213 C CA    . GLY A 1 236 ? -1.235  -18.691 -0.804  1.00 21.59 ? 236 GLY A CA    1 
ATOM   214 C CA    . LYS A 1 237 ? 0.458   -15.510 0.374   1.00 23.53 ? 237 LYS A CA    1 
ATOM   215 C CA    . ILE A 1 238 ? 4.078   -14.714 -0.448  1.00 23.80 ? 238 ILE A CA    1 
ATOM   216 C CA    . PRO A 1 239 ? 6.519   -12.249 1.235   1.00 24.12 ? 239 PRO A CA    1 
ATOM   217 C CA    . MET A 1 240 ? 6.155   -8.559  0.397   1.00 24.22 ? 240 MET A CA    1 
ATOM   218 C CA    . ASN A 1 241 ? 9.574   -8.646  -1.227  1.00 24.98 ? 241 ASN A CA    1 
ATOM   219 C CA    . MET A 1 242 ? 8.441   -11.343 -3.696  1.00 24.46 ? 242 MET A CA    1 
ATOM   220 C CA    . VAL A 1 243 ? 5.351   -9.583  -5.095  1.00 19.44 ? 243 VAL A CA    1 
ATOM   221 C CA    . SER A 1 244 ? 6.865   -8.046  -8.275  1.00 16.88 ? 244 SER A CA    1 
ATOM   222 C CA    . GLU A 1 245 ? 8.630   -11.352 -9.044  1.00 15.48 ? 245 GLU A CA    1 
ATOM   223 C CA    . LYS A 1 246 ? 5.326   -13.195 -8.609  1.00 13.93 ? 246 LYS A CA    1 
ATOM   224 C CA    . ASN A 1 247 ? 3.457   -10.614 -10.718 1.00 12.71 ? 247 ASN A CA    1 
ATOM   225 C CA    . SER A 1 248 ? 6.025   -11.177 -13.475 1.00 12.96 ? 248 SER A CA    1 
ATOM   226 C CA    . GLN A 1 249 ? 4.702   -14.666 -14.212 1.00 14.80 ? 249 GLN A CA    1 
ATOM   227 C CA    . ALA A 1 250 ? 1.720   -13.186 -16.003 1.00 12.66 ? 250 ALA A CA    1 
ATOM   228 C CA    . ILE A 1 251 ? 1.094   -11.261 -19.182 1.00 11.63 ? 251 ILE A CA    1 
ATOM   229 C CA    . ALA A 1 252 ? -0.850  -8.630  -17.172 1.00 10.83 ? 252 ALA A CA    1 
ATOM   230 C CA    . ALA A 1 253 ? -1.519  -7.634  -13.552 1.00 10.21 ? 253 ALA A CA    1 
ATOM   231 C CA    . LEU A 1 254 ? -4.716  -5.878  -12.502 1.00 10.75 ? 254 LEU A CA    1 
ATOM   232 C CA    . ILE A 1 255 ? -5.076  -2.621  -10.584 1.00 12.05 ? 255 ILE A CA    1 
ATOM   233 C CA    . ILE A 1 256 ? -8.427  -2.110  -8.819  1.00 12.67 ? 256 ILE A CA    1 
ATOM   234 C CA    . GLY A 1 257 ? -9.376  -0.407  -5.551  1.00 15.22 ? 257 GLY A CA    1 
ATOM   235 C CA    . ASP A 1 258 ? -12.050 0.382   -2.958  1.00 17.05 ? 258 ASP A CA    1 
ATOM   236 C CA    . LYS A 1 259 ? -14.623 3.079   -3.903  1.00 17.63 ? 259 LYS A CA    1 
ATOM   237 C CA    . ASN A 1 260 ? -12.824 5.786   -1.885  1.00 18.16 ? 260 ASN A CA    1 
ATOM   238 C CA    . TYR A 1 261 ? -9.489  5.002   -3.508  1.00 15.95 ? 261 TYR A CA    1 
ATOM   239 C CA    . ASN A 1 262 ? -10.848 5.964   -6.916  1.00 15.83 ? 262 ASN A CA    1 
ATOM   240 C CA    . ASP A 1 263 ? -9.187  9.115   -8.143  1.00 17.41 ? 263 ASP A CA    1 
ATOM   241 C CA    . ASN A 1 264 ? -7.638  9.459   -4.690  1.00 16.08 ? 264 ASN A CA    1 
ATOM   242 C CA    . PHE A 1 265 ? -5.080  6.862   -3.507  1.00 15.19 ? 265 PHE A CA    1 
ATOM   243 C CA    . ILE A 1 266 ? -2.181  5.512   -5.558  1.00 15.24 ? 266 ILE A CA    1 
ATOM   244 C CA    . THR A 1 267 ? -1.482  2.217   -3.833  1.00 13.84 ? 267 THR A CA    1 
ATOM   245 C CA    . LEU A 1 268 ? 1.691   0.211   -3.369  1.00 12.28 ? 268 LEU A CA    1 
ATOM   246 C CA    . ARG A 1 269 ? 0.340   -2.330  -5.912  1.00 11.21 ? 269 ARG A CA    1 
ATOM   247 C CA    . VAL A 1 270 ? 0.695   0.310   -8.640  1.00 9.85  ? 270 VAL A CA    1 
ATOM   248 C CA    . TRP A 1 271 ? 4.474   0.361   -8.105  1.00 10.83 ? 271 TRP A CA    1 
ATOM   249 C CA    . GLU A 1 272 ? 4.816   -3.375  -7.480  1.00 11.65 ? 272 GLU A CA    1 
ATOM   250 C CA    . THR A 1 273 ? 3.003   -3.909  -10.766 1.00 12.19 ? 273 THR A CA    1 
ATOM   251 C CA    . MET A 1 274 ? 4.795   -1.170  -12.673 1.00 13.28 ? 274 MET A CA    1 
ATOM   252 C CA    . ALA A 1 275 ? 8.204   -2.581  -11.626 1.00 13.09 ? 275 ALA A CA    1 
ATOM   253 C CA    . SER A 1 276 ? 7.244   -6.102  -12.729 1.00 11.41 ? 276 SER A CA    1 
ATOM   254 C CA    . ASP A 1 277 ? 7.490   -7.828  -16.110 1.00 10.88 ? 277 ASP A CA    1 
ATOM   255 C CA    . ALA A 1 278 ? 3.667   -7.888  -16.262 1.00 10.69 ? 278 ALA A CA    1 
ATOM   256 C CA    . VAL A 1 279 ? 1.819   -5.153  -18.186 1.00 11.16 ? 279 VAL A CA    1 
ATOM   257 C CA    . MET A 1 280 ? -0.218  -3.056  -15.787 1.00 12.41 ? 280 MET A CA    1 
ATOM   258 C CA    . LEU A 1 281 ? -3.976  -2.894  -16.619 1.00 11.28 ? 281 LEU A CA    1 
ATOM   259 C CA    . ILE A 1 282 ? -5.961  -0.327  -14.650 1.00 10.67 ? 282 ILE A CA    1 
ATOM   260 C CA    . ASP A 1 283 ? -9.666  -0.180  -13.946 1.00 13.52 ? 283 ASP A CA    1 
ATOM   261 C CA    . GLU A 1 284 ? -10.756 3.083   -15.609 1.00 16.99 ? 284 GLU A CA    1 
ATOM   262 C CA    . GLU A 1 285 ? -12.877 3.988   -12.581 1.00 18.40 ? 285 GLU A CA    1 
ATOM   263 C CA    . PHE A 1 286 ? -9.780  3.858   -10.346 1.00 14.83 ? 286 PHE A CA    1 
ATOM   264 C CA    . ASP A 1 287 ? -8.023  6.585   -12.345 1.00 14.22 ? 287 ASP A CA    1 
ATOM   265 C CA    . THR A 1 288 ? -10.459 8.445   -14.605 1.00 15.33 ? 288 THR A CA    1 
ATOM   266 C CA    . LYS A 1 289 ? -8.047  11.290  -15.320 1.00 17.56 ? 289 LYS A CA    1 
ATOM   267 C CA    . HIS A 1 290 ? -5.305  8.836   -16.337 1.00 18.15 ? 290 HIS A CA    1 
ATOM   268 C CA    . ARG A 1 291 ? -2.839  10.240  -13.810 1.00 19.19 ? 291 ARG A CA    1 
ATOM   269 C CA    . ILE A 1 292 ? -0.825  7.039   -13.532 1.00 18.94 ? 292 ILE A CA    1 
ATOM   270 C CA    . ILE A 1 293 ? -0.019  6.711   -17.247 1.00 20.81 ? 293 ILE A CA    1 
ATOM   271 C CA    . ASN A 1 294 ? -1.461  8.966   -19.900 1.00 21.80 ? 294 ASN A CA    1 
ATOM   272 C CA    . ASP A 1 295 ? -2.042  6.195   -22.422 1.00 17.93 ? 295 ASP A CA    1 
ATOM   273 C CA    . ALA A 1 296 ? -5.470  4.653   -22.960 1.00 15.19 ? 296 ALA A CA    1 
ATOM   274 C CA    . ARG A 1 297 ? -4.024  1.222   -23.766 1.00 13.56 ? 297 ARG A CA    1 
ATOM   275 C CA    . PHE A 1 298 ? -3.392  0.551   -20.058 1.00 11.87 ? 298 PHE A CA    1 
ATOM   276 C CA    . TYR A 1 299 ? -7.010  1.082   -18.939 1.00 11.44 ? 299 TYR A CA    1 
ATOM   277 C CA    . VAL A 1 300 ? -10.015 -1.216  -18.983 1.00 12.29 ? 300 VAL A CA    1 
ATOM   278 C CA    . ASN A 1 301 ? -13.655 -0.447  -18.176 1.00 13.66 ? 301 ASN A CA    1 
ATOM   279 C CA    . ASN A 1 302 ? -15.083 -3.927  -17.745 1.00 12.29 ? 302 ASN A CA    1 
ATOM   280 C CA    . ARG A 1 303 ? -14.562 -7.683  -18.123 1.00 11.80 ? 303 ARG A CA    1 
ATOM   281 C CA    . ALA A 1 304 ? -15.029 -7.598  -21.896 1.00 12.68 ? 304 ALA A CA    1 
ATOM   282 C CA    . GLU A 1 305 ? -12.247 -5.043  -22.382 1.00 13.37 ? 305 GLU A CA    1 
ATOM   283 C CA    . LEU A 1 306 ? -9.905  -6.903  -20.050 1.00 13.18 ? 306 LEU A CA    1 
ATOM   284 C CA    . ILE A 1 307 ? -10.380 -10.063 -22.171 1.00 13.15 ? 307 ILE A CA    1 
ATOM   285 C CA    . ASP A 1 308 ? -9.750  -8.246  -25.453 1.00 13.33 ? 308 ASP A CA    1 
ATOM   286 C CA    . ARG A 1 309 ? -6.793  -6.397  -24.062 1.00 12.56 ? 309 ARG A CA    1 
ATOM   287 C CA    . VAL A 1 310 ? -5.105  -9.558  -22.716 1.00 13.33 ? 310 VAL A CA    1 
ATOM   288 C CA    . ASN A 1 311 ? -5.685  -11.335 -26.019 1.00 16.07 ? 311 ASN A CA    1 
ATOM   289 C CA    . GLU A 1 312 ? -4.082  -8.432  -27.855 1.00 18.14 ? 312 GLU A CA    1 
ATOM   290 C CA    . LEU A 1 313 ? -1.030  -8.561  -25.549 1.00 19.22 ? 313 LEU A CA    1 
ATOM   291 C CA    . LYS A 1 314 ? -0.742  -12.359 -25.883 1.00 22.25 ? 314 LYS A CA    1 
ATOM   292 C CA    . HIS A 1 315 ? -0.648  -12.102 -29.622 1.00 26.01 ? 315 HIS A CA    1 
ATOM   293 C CA    . SER A 1 316 ? 1.473   -9.008  -30.200 1.00 25.53 ? 316 SER A CA    1 
ATOM   294 C CA    . ASP A 1 317 ? 4.885   -9.032  -28.620 1.00 25.34 ? 317 ASP A CA    1 
ATOM   295 C CA    . VAL A 1 318 ? 5.622   -5.656  -30.145 1.00 21.97 ? 318 VAL A CA    1 
ATOM   296 C CA    . LEU A 1 319 ? 2.639   -4.264  -28.225 1.00 18.89 ? 319 LEU A CA    1 
ATOM   297 C CA    . ARG A 1 320 ? 3.379   -6.120  -25.019 1.00 17.73 ? 320 ARG A CA    1 
ATOM   298 C CA    . LYS A 1 321 ? 7.016   -5.069  -25.160 1.00 17.36 ? 321 LYS A CA    1 
ATOM   299 C CA    . GLU A 1 322 ? 6.149   -1.473  -26.002 1.00 15.83 ? 322 GLU A CA    1 
ATOM   300 C CA    . MET A 1 323 ? 3.789   -1.176  -23.030 1.00 14.21 ? 323 MET A CA    1 
ATOM   301 C CA    . LEU A 1 324 ? 6.339   -2.702  -20.602 1.00 14.11 ? 324 LEU A CA    1 
ATOM   302 C CA    . SER A 1 325 ? 8.921   -0.252  -21.852 1.00 15.27 ? 325 SER A CA    1 
ATOM   303 C CA    . ILE A 1 326 ? 6.510   2.677   -21.347 1.00 14.41 ? 326 ILE A CA    1 
ATOM   304 C CA    . GLN A 1 327 ? 5.580   1.657   -17.776 1.00 14.27 ? 327 GLN A CA    1 
ATOM   305 C CA    . HIS A 1 328 ? 9.182   1.033   -16.696 1.00 15.27 ? 328 HIS A CA    1 
ATOM   306 C CA    . ASP A 1 329 ? 10.043  4.426   -18.146 1.00 19.81 ? 329 ASP A CA    1 
ATOM   307 C CA    . ILE A 1 330 ? 7.345   6.134   -16.030 1.00 20.17 ? 330 ILE A CA    1 
ATOM   308 C CA    . LEU A 1 331 ? 8.742   4.205   -13.062 1.00 20.51 ? 331 LEU A CA    1 
ATOM   309 C CA    . ASN A 1 332 ? 12.249  5.519   -13.782 1.00 22.27 ? 332 ASN A CA    1 
ATOM   310 C CA    . LYS A 1 333 ? 11.157  9.133   -14.145 1.00 22.45 ? 333 LYS A CA    1 
ATOM   311 C CA    . THR A 1 334 ? 9.467   8.929   -10.728 1.00 22.40 ? 334 THR A CA    1 
ATOM   312 C CA    . ARG A 1 335 ? 12.473  7.357   -9.140  1.00 22.61 ? 335 ARG A CA    1 
ATOM   313 C CA    . ALA A 1 336 ? 14.531  10.217  -10.564 1.00 21.76 ? 336 ALA A CA    1 
ATOM   314 C CA    . LYS A 1 337 ? 12.696  12.601  -8.166  1.00 21.14 ? 337 LYS A CA    1 
ATOM   315 C CA    . LYS A 1 338 ? 13.806  10.794  -5.005  1.00 19.95 ? 338 LYS A CA    1 
ATOM   316 C CA    . ALA A 1 339 ? 15.505  13.872  -3.566  1.00 18.36 ? 339 ALA A CA    1 
ATOM   317 C CA    . GLU A 1 340 ? 12.328  15.939  -3.983  1.00 17.09 ? 340 GLU A CA    1 
ATOM   318 C CA    . TRP A 1 341 ? 10.274  13.104  -2.456  1.00 15.07 ? 341 TRP A CA    1 
ATOM   319 C CA    . GLN A 1 342 ? 12.617  12.899  0.543   1.00 15.77 ? 342 GLN A CA    1 
ATOM   320 C CA    . ASP A 1 343 ? 12.438  16.685  1.105   1.00 17.88 ? 343 ASP A CA    1 
ATOM   321 C CA    . ALA A 1 344 ? 8.670   16.685  0.872   1.00 16.82 ? 344 ALA A CA    1 
ATOM   322 C CA    . PHE A 1 345 ? 8.637   13.896  3.454   1.00 16.14 ? 345 PHE A CA    1 
ATOM   323 C CA    . LYS A 1 346 ? 10.832  15.875  5.833   1.00 15.38 ? 346 LYS A CA    1 
ATOM   324 C CA    . LYS A 1 347 ? 8.580   18.912  5.420   1.00 14.81 ? 347 LYS A CA    1 
ATOM   325 C CA    . ALA A 1 348 ? 5.474   16.818  6.064   1.00 14.40 ? 348 ALA A CA    1 
ATOM   326 C CA    . ILE A 1 349 ? 6.883   15.855  9.477   1.00 15.39 ? 349 ILE A CA    1 
ATOM   327 C CA    . ASP A 1 350 ? 7.814   19.493  10.234  1.00 17.10 ? 350 ASP A CA    1 
ATOM   328 C CA    . LEU A 1 351 ? 11.553  19.367  9.589   1.00 20.29 ? 351 LEU A CA    1 
HETATM 329 N N1    . UDP B 2 .   ? 0.821   -8.586  -0.424  1.00 16.74 ? 353 UDP A N1    1 
HETATM 330 C C2    . UDP B 2 .   ? 1.840   -9.401  -0.001  1.00 17.25 ? 353 UDP A C2    1 
HETATM 331 N N3    . UDP B 2 .   ? 1.726   -10.747 -0.206  1.00 17.83 ? 353 UDP A N3    1 
HETATM 332 C C4    . UDP B 2 .   ? 0.642   -11.322 -0.807  1.00 17.84 ? 353 UDP A C4    1 
HETATM 333 C C5    . UDP B 2 .   ? -0.446  -10.512 -1.439  1.00 17.30 ? 353 UDP A C5    1 
HETATM 334 C C6    . UDP B 2 .   ? -0.358  -9.187  -1.175  1.00 17.21 ? 353 UDP A C6    1 
HETATM 335 O O2    . UDP B 2 .   ? 2.851   -8.949  0.532   1.00 17.27 ? 353 UDP A O2    1 
HETATM 336 O O4    . UDP B 2 .   ? 0.504   -12.543 -0.811  1.00 18.48 ? 353 UDP A O4    1 
HETATM 337 C "C1'" . UDP B 2 .   ? 0.851   -7.140  -0.111  1.00 15.80 ? 353 UDP A "C1'" 1 
HETATM 338 C "C2'" . UDP B 2 .   ? 1.342   -6.442  -1.306  1.00 15.59 ? 353 UDP A "C2'" 1 
HETATM 339 O "O2'" . UDP B 2 .   ? 2.320   -5.451  -0.991  1.00 15.55 ? 353 UDP A "O2'" 1 
HETATM 340 C "C3'" . UDP B 2 .   ? 0.085   -5.940  -1.968  1.00 15.42 ? 353 UDP A "C3'" 1 
HETATM 341 C "C4'" . UDP B 2 .   ? -0.728  -5.611  -0.834  1.00 15.34 ? 353 UDP A "C4'" 1 
HETATM 342 O "O4'" . UDP B 2 .   ? -0.514  -6.733  0.025   1.00 15.66 ? 353 UDP A "O4'" 1 
HETATM 343 O "O3'" . UDP B 2 .   ? 0.303   -4.797  -2.784  1.00 16.08 ? 353 UDP A "O3'" 1 
HETATM 344 C "C5'" . UDP B 2 .   ? -2.149  -5.521  -1.228  1.00 15.54 ? 353 UDP A "C5'" 1 
HETATM 345 O "O5'" . UDP B 2 .   ? -2.954  -5.303  -0.027  1.00 15.36 ? 353 UDP A "O5'" 1 
HETATM 346 P PA    . UDP B 2 .   ? -4.552  -5.245  -0.157  1.00 15.45 ? 353 UDP A PA    1 
HETATM 347 O O1A   . UDP B 2 .   ? -5.031  -6.553  -0.479  1.00 15.26 ? 353 UDP A O1A   1 
HETATM 348 O O2A   . UDP B 2 .   ? -5.028  -4.896  1.184   1.00 15.61 ? 353 UDP A O2A   1 
HETATM 349 O O3A   . UDP B 2 .   ? -5.040  -4.184  -1.224  1.00 15.39 ? 353 UDP A O3A   1 
HETATM 350 P PB    . UDP B 2 .   ? -4.744  -2.714  -1.750  1.00 15.37 ? 353 UDP A PB    1 
HETATM 351 O O1B   . UDP B 2 .   ? -3.436  -2.361  -1.493  1.00 15.61 ? 353 UDP A O1B   1 
HETATM 352 O O2B   . UDP B 2 .   ? -5.641  -1.826  -0.989  1.00 15.64 ? 353 UDP A O2B   1 
HETATM 353 O O3B   . UDP B 2 .   ? -4.837  -2.683  -3.239  1.00 15.68 ? 353 UDP A O3B   1 
# 
